data_4BN2
#
_entry.id   4BN2
#
_cell.length_a   90.080
_cell.length_b   90.080
_cell.length_c   249.010
_cell.angle_alpha   90.00
_cell.angle_beta   90.00
_cell.angle_gamma   120.00
#
_symmetry.space_group_name_H-M   'P 32 2 1'
#
loop_
_entity.id
_entity.type
_entity.pdbx_description
1 polymer 'KINESIN-LIKE PROTEIN KIF15'
2 non-polymer "ADENOSINE-5'-DIPHOSPHATE"
3 non-polymer 'MAGNESIUM ION'
4 water water
#
_entity_poly.entity_id   1
_entity_poly.type   'polypeptide(L)'
_entity_poly.pdbx_seq_one_letter_code
;GAMGQPSNEGDAIKVFVRIRPPAERSGSADGEQNLCLSVLSSTSLRLHSNPEPKTFTFDHVADVDTTQESVFATVAKSIV
ESCMSGYNGTIFAYGQTGSGKTFTMMGPSESDNFSHNLRGVIPRSFEYLFSLIDREKEKAGAGKSFLCKCSFIEIYNEQI
YDLLDSASAGLYLREHIKKGVFVVGAVEQVVTSAAEAYQVLSGGWRNRRVASTSMNRESSRSHAVFTITIESMEKSNEIV
NIRTSLLNLVDLAGSERQKDTHAEGMRLKEAGNINRSLSCLGQVITALVDVGNGKQRHVCYRDSKLTFLLRDSLGGNAKT
AIIANVHPGSRCFGETLSTLNFAQRAKLIKNKAVVNEDTQG
;
_entity_poly.pdbx_strand_id   A,B,C
#
loop_
_chem_comp.id
_chem_comp.type
_chem_comp.name
_chem_comp.formula
ADP non-polymer ADENOSINE-5'-DIPHOSPHATE 'C10 H15 N5 O10 P2'
MG non-polymer 'MAGNESIUM ION' 'Mg 2'
#
# COMPACT_ATOMS: atom_id res chain seq x y z
N GLY A 10 16.39 -33.44 17.41
CA GLY A 10 15.89 -32.62 16.33
C GLY A 10 16.64 -31.29 16.19
N ASP A 11 15.99 -30.33 15.54
CA ASP A 11 16.57 -29.00 15.35
C ASP A 11 15.77 -27.97 16.13
N ALA A 12 16.45 -27.19 16.98
CA ALA A 12 15.79 -26.19 17.82
C ALA A 12 15.12 -25.15 16.95
N ILE A 13 13.95 -24.68 17.35
CA ILE A 13 13.28 -23.65 16.60
C ILE A 13 14.05 -22.35 16.72
N LYS A 14 13.77 -21.42 15.82
CA LYS A 14 14.47 -20.14 15.83
C LYS A 14 13.68 -19.02 16.44
N VAL A 15 14.30 -18.35 17.39
CA VAL A 15 13.65 -17.24 18.05
C VAL A 15 14.37 -15.92 17.79
N PHE A 16 13.58 -14.92 17.45
CA PHE A 16 14.09 -13.59 17.17
C PHE A 16 13.30 -12.62 18.00
N VAL A 17 13.95 -11.55 18.42
CA VAL A 17 13.28 -10.51 19.18
C VAL A 17 13.36 -9.24 18.40
N ARG A 18 12.23 -8.57 18.21
CA ARG A 18 12.22 -7.30 17.51
C ARG A 18 11.70 -6.22 18.42
N ILE A 19 12.49 -5.19 18.64
CA ILE A 19 12.05 -4.08 19.47
C ILE A 19 11.48 -2.98 18.59
N ARG A 20 10.20 -2.68 18.74
CA ARG A 20 9.62 -1.57 17.97
C ARG A 20 10.01 -0.27 18.63
N PRO A 21 10.07 0.80 17.85
CA PRO A 21 10.35 2.11 18.39
C PRO A 21 9.12 2.67 19.10
N PRO A 22 9.34 3.34 20.23
CA PRO A 22 8.26 4.01 20.97
C PRO A 22 7.63 5.07 20.08
N ALA A 23 6.43 5.51 20.42
CA ALA A 23 5.83 6.63 19.71
C ALA A 23 6.72 7.83 19.96
N GLU A 24 6.75 8.76 19.01
CA GLU A 24 7.65 9.91 19.11
C GLU A 24 7.15 10.91 20.13
N ARG A 25 8.10 11.60 20.78
CA ARG A 25 7.79 12.60 21.79
C ARG A 25 7.07 12.07 23.05
N SER A 26 7.74 11.26 23.87
CA SER A 26 7.23 10.92 25.21
C SER A 26 7.86 11.75 26.35
N GLN A 33 11.98 8.73 27.59
CA GLN A 33 13.37 8.58 28.00
C GLN A 33 13.60 7.12 28.37
N ASN A 34 14.30 6.85 29.46
CA ASN A 34 13.99 5.72 30.36
C ASN A 34 13.50 4.39 29.75
N LEU A 35 14.36 3.63 29.09
CA LEU A 35 13.86 2.54 28.25
C LEU A 35 13.49 1.16 28.79
N CYS A 36 14.22 0.68 29.80
CA CYS A 36 13.92 -0.65 30.36
C CYS A 36 14.55 -1.82 29.62
N LEU A 37 15.09 -1.54 28.44
CA LEU A 37 15.64 -2.56 27.58
C LEU A 37 16.88 -1.99 26.88
N SER A 38 17.98 -2.75 26.79
CA SER A 38 19.11 -2.30 25.98
C SER A 38 19.71 -3.44 25.19
N VAL A 39 19.88 -3.24 23.89
CA VAL A 39 20.47 -4.30 23.08
C VAL A 39 21.98 -4.30 23.17
N LEU A 40 22.52 -5.43 23.62
CA LEU A 40 23.95 -5.58 23.83
C LEU A 40 24.73 -5.94 22.58
N SER A 41 24.04 -6.51 21.59
CA SER A 41 24.68 -7.10 20.40
C SER A 41 23.62 -7.74 19.56
N SER A 42 24.01 -8.24 18.39
CA SER A 42 23.00 -8.78 17.50
C SER A 42 22.32 -10.05 18.05
N THR A 43 23.00 -10.77 18.96
CA THR A 43 22.36 -11.89 19.66
C THR A 43 21.85 -11.62 21.09
N SER A 44 21.97 -10.40 21.59
CA SER A 44 21.91 -10.27 23.03
C SER A 44 21.23 -9.01 23.50
N LEU A 45 20.43 -9.12 24.56
CA LEU A 45 19.86 -7.93 25.17
C LEU A 45 19.76 -7.98 26.68
N ARG A 46 19.78 -6.81 27.26
CA ARG A 46 19.71 -6.68 28.69
C ARG A 46 18.37 -6.03 29.05
N LEU A 47 17.67 -6.69 29.97
CA LEU A 47 16.44 -6.16 30.55
C LEU A 47 16.70 -5.49 31.89
N HIS A 48 16.35 -4.22 32.05
CA HIS A 48 16.84 -3.61 33.26
C HIS A 48 15.81 -3.74 34.39
N SER A 49 16.01 -4.79 35.14
CA SER A 49 15.11 -5.14 36.21
C SER A 49 15.93 -4.83 37.44
N ASN A 50 15.27 -4.50 38.52
CA ASN A 50 16.01 -4.15 39.69
C ASN A 50 15.56 -5.03 40.84
N PRO A 51 16.47 -5.39 41.73
CA PRO A 51 17.88 -4.99 41.83
C PRO A 51 18.82 -5.57 40.78
N GLU A 52 18.53 -6.77 40.27
CA GLU A 52 19.44 -7.43 39.34
C GLU A 52 18.88 -7.53 37.92
N PRO A 53 19.61 -6.96 36.97
CA PRO A 53 19.26 -7.02 35.55
C PRO A 53 19.31 -8.45 35.03
N LYS A 54 18.64 -8.69 33.92
CA LYS A 54 18.67 -9.98 33.27
C LYS A 54 19.14 -9.80 31.83
N THR A 55 19.81 -10.81 31.28
CA THR A 55 20.15 -10.73 29.89
C THR A 55 19.65 -11.98 29.19
N PHE A 56 19.22 -11.79 27.94
CA PHE A 56 18.72 -12.91 27.15
C PHE A 56 19.54 -13.03 25.87
N THR A 57 19.62 -14.26 25.35
CA THR A 57 20.32 -14.56 24.12
C THR A 57 19.34 -15.19 23.14
N PHE A 58 19.28 -14.66 21.93
CA PHE A 58 18.43 -15.20 20.89
C PHE A 58 19.18 -15.36 19.57
N ASP A 59 18.51 -15.91 18.58
CA ASP A 59 19.15 -16.12 17.33
C ASP A 59 19.46 -14.78 16.71
N HIS A 60 18.57 -13.82 16.89
CA HIS A 60 18.88 -12.43 16.57
C HIS A 60 18.08 -11.45 17.41
N VAL A 61 18.65 -10.30 17.71
CA VAL A 61 17.92 -9.21 18.35
C VAL A 61 17.96 -7.99 17.46
N ALA A 62 16.80 -7.48 17.09
CA ALA A 62 16.71 -6.33 16.19
C ALA A 62 16.24 -5.09 16.93
N ASP A 63 17.01 -4.00 16.83
CA ASP A 63 16.68 -2.79 17.59
C ASP A 63 15.64 -1.93 16.83
N VAL A 64 15.30 -0.81 17.43
CA VAL A 64 14.18 0.00 16.98
C VAL A 64 14.33 0.51 15.58
N ASP A 65 15.55 0.47 15.05
CA ASP A 65 15.77 1.00 13.71
C ASP A 65 15.70 -0.02 12.61
N THR A 66 15.57 -1.30 12.98
CA THR A 66 15.60 -2.39 12.01
C THR A 66 14.50 -2.24 10.98
N THR A 67 14.85 -2.32 9.70
CA THR A 67 13.88 -2.21 8.59
C THR A 67 13.07 -3.48 8.29
N GLN A 68 11.93 -3.30 7.64
CA GLN A 68 11.09 -4.43 7.25
C GLN A 68 11.94 -5.44 6.49
N GLU A 69 12.69 -4.94 5.52
CA GLU A 69 13.50 -5.82 4.71
C GLU A 69 14.52 -6.59 5.54
N SER A 70 15.14 -5.92 6.50
CA SER A 70 16.09 -6.58 7.35
C SER A 70 15.44 -7.79 8.02
N VAL A 71 14.24 -7.55 8.55
CA VAL A 71 13.50 -8.59 9.24
C VAL A 71 13.35 -9.78 8.35
N PHE A 72 12.86 -9.55 7.14
CA PHE A 72 12.66 -10.65 6.22
C PHE A 72 13.95 -11.46 6.07
N ALA A 73 15.04 -10.80 5.70
CA ALA A 73 16.30 -11.49 5.50
C ALA A 73 16.76 -12.28 6.71
N THR A 74 16.60 -11.72 7.90
CA THR A 74 17.04 -12.43 9.10
C THR A 74 16.17 -13.66 9.45
N VAL A 75 14.85 -13.55 9.21
CA VAL A 75 13.89 -14.49 9.75
C VAL A 75 13.28 -15.43 8.71
N ALA A 76 12.61 -14.85 7.70
CA ALA A 76 11.85 -15.60 6.69
C ALA A 76 12.62 -16.22 5.51
N LYS A 77 13.67 -15.56 5.08
CA LYS A 77 14.35 -15.99 3.85
C LYS A 77 14.63 -17.48 3.94
N SER A 78 15.26 -17.85 5.04
CA SER A 78 15.58 -19.25 5.31
C SER A 78 14.35 -20.15 5.21
N ILE A 79 13.30 -19.83 5.98
CA ILE A 79 12.06 -20.62 5.99
C ILE A 79 11.48 -20.87 4.58
N VAL A 80 11.49 -19.83 3.75
CA VAL A 80 10.94 -19.98 2.41
C VAL A 80 11.79 -20.98 1.68
N GLU A 81 13.11 -20.79 1.71
CA GLU A 81 14.00 -21.72 1.04
C GLU A 81 13.70 -23.14 1.48
N SER A 82 13.63 -23.39 2.78
CA SER A 82 13.49 -24.76 3.18
C SER A 82 12.08 -25.22 2.79
N CYS A 83 11.17 -24.26 2.61
CA CYS A 83 9.89 -24.61 2.02
C CYS A 83 9.99 -25.18 0.61
N MET A 84 10.75 -24.49 -0.25
CA MET A 84 11.00 -24.94 -1.62
C MET A 84 11.57 -26.35 -1.67
N SER A 85 12.35 -26.72 -0.65
CA SER A 85 13.01 -28.01 -0.65
C SER A 85 12.13 -29.09 -0.01
N GLY A 86 10.89 -28.72 0.32
CA GLY A 86 9.89 -29.71 0.70
C GLY A 86 9.52 -29.82 2.17
N TYR A 87 10.17 -29.02 3.01
CA TYR A 87 9.90 -28.99 4.43
C TYR A 87 8.70 -28.10 4.73
N ASN A 88 7.92 -28.46 5.74
CA ASN A 88 6.87 -27.57 6.23
C ASN A 88 7.58 -26.45 6.93
N GLY A 89 6.96 -25.28 6.99
CA GLY A 89 7.58 -24.21 7.74
C GLY A 89 6.60 -23.20 8.27
N THR A 90 6.98 -22.59 9.39
CA THR A 90 6.08 -21.72 10.13
C THR A 90 6.78 -20.51 10.74
N ILE A 91 6.18 -19.34 10.53
CA ILE A 91 6.64 -18.12 11.17
C ILE A 91 5.48 -17.53 11.94
N PHE A 92 5.66 -17.33 13.22
CA PHE A 92 4.63 -16.59 13.91
C PHE A 92 5.13 -15.48 14.80
N ALA A 93 4.30 -14.45 14.92
CA ALA A 93 4.64 -13.26 15.68
C ALA A 93 3.91 -13.27 17.03
N TYR A 94 4.66 -13.12 18.10
CA TYR A 94 4.07 -13.22 19.42
C TYR A 94 4.41 -11.95 20.19
N GLY A 95 3.48 -11.47 20.98
CA GLY A 95 3.80 -10.36 21.84
C GLY A 95 2.56 -9.61 22.23
N GLN A 96 2.73 -8.68 23.15
CA GLN A 96 1.60 -7.98 23.72
C GLN A 96 0.94 -7.14 22.63
N THR A 97 -0.34 -6.86 22.80
CA THR A 97 -1.04 -5.95 21.92
C THR A 97 -0.31 -4.60 21.83
N GLY A 98 -0.10 -4.12 20.60
CA GLY A 98 0.62 -2.89 20.39
C GLY A 98 2.12 -3.08 20.37
N SER A 99 2.60 -4.32 20.35
CA SER A 99 4.05 -4.54 20.28
C SER A 99 4.59 -4.53 18.84
N GLY A 100 3.69 -4.57 17.86
CA GLY A 100 4.11 -4.60 16.47
C GLY A 100 3.97 -5.91 15.71
N LYS A 101 3.20 -6.85 16.25
CA LYS A 101 2.97 -8.08 15.50
C LYS A 101 2.49 -7.82 14.09
N THR A 102 1.46 -6.96 13.97
CA THR A 102 0.81 -6.78 12.67
C THR A 102 1.70 -6.02 11.69
N PHE A 103 2.31 -4.95 12.19
CA PHE A 103 3.28 -4.20 11.44
C PHE A 103 4.32 -5.15 10.90
N THR A 104 4.80 -6.05 11.76
CA THR A 104 5.78 -7.05 11.35
C THR A 104 5.36 -8.06 10.25
N MET A 105 4.23 -8.74 10.40
CA MET A 105 3.89 -9.80 9.42
C MET A 105 3.18 -9.26 8.19
N MET A 106 2.68 -8.04 8.32
CA MET A 106 1.80 -7.49 7.32
C MET A 106 2.30 -6.14 6.83
N GLY A 107 2.25 -5.17 7.71
CA GLY A 107 2.75 -3.85 7.42
C GLY A 107 1.78 -2.84 8.02
N PRO A 108 2.02 -1.57 7.74
CA PRO A 108 1.00 -0.61 8.16
C PRO A 108 -0.23 -0.76 7.31
N SER A 109 -1.34 -0.23 7.83
CA SER A 109 -2.68 -0.34 7.26
C SER A 109 -2.76 0.60 6.11
N GLU A 110 -3.97 1.02 5.77
CA GLU A 110 -4.25 2.47 5.82
C GLU A 110 -3.33 3.26 4.91
N SER A 111 -2.30 2.59 4.43
CA SER A 111 -1.34 3.18 3.52
C SER A 111 -1.57 2.45 2.22
N ASP A 112 -2.20 3.14 1.28
CA ASP A 112 -2.66 2.53 0.04
C ASP A 112 -1.79 3.03 -1.09
N ASN A 113 -1.84 4.34 -1.33
CA ASN A 113 -1.07 4.96 -2.39
C ASN A 113 0.43 5.09 -2.10
N PHE A 114 0.86 4.82 -0.87
CA PHE A 114 2.30 4.87 -0.60
CA PHE A 114 2.28 4.96 -0.51
C PHE A 114 2.82 3.96 0.51
N SER A 115 4.11 4.12 0.79
CA SER A 115 4.94 3.27 1.66
C SER A 115 4.79 1.74 1.54
N HIS A 116 5.33 1.35 0.42
CA HIS A 116 5.55 0.03 -0.05
C HIS A 116 6.78 -0.63 0.58
N ASN A 117 7.77 0.19 0.96
CA ASN A 117 8.95 -0.33 1.65
C ASN A 117 8.61 -0.76 3.05
N LEU A 118 7.37 -0.52 3.47
CA LEU A 118 6.92 -0.84 4.81
C LEU A 118 6.22 -2.19 4.94
N ARG A 119 6.05 -2.87 3.83
CA ARG A 119 5.30 -4.10 3.84
C ARG A 119 6.09 -5.12 4.65
N GLY A 120 5.37 -5.99 5.34
CA GLY A 120 5.98 -6.90 6.26
C GLY A 120 6.29 -8.26 5.69
N VAL A 121 6.59 -9.17 6.61
CA VAL A 121 7.11 -10.48 6.30
C VAL A 121 6.31 -11.22 5.25
N ILE A 122 5.00 -11.31 5.45
CA ILE A 122 4.15 -12.11 4.58
C ILE A 122 4.21 -11.68 3.10
N PRO A 123 3.98 -10.39 2.81
CA PRO A 123 4.14 -9.92 1.42
C PRO A 123 5.51 -10.22 0.84
N ARG A 124 6.56 -9.94 1.60
CA ARG A 124 7.91 -10.20 1.12
C ARG A 124 8.16 -11.68 0.87
N SER A 125 7.52 -12.53 1.67
CA SER A 125 7.60 -13.97 1.49
C SER A 125 7.02 -14.38 0.14
N PHE A 126 5.81 -13.88 -0.19
CA PHE A 126 5.24 -14.13 -1.51
C PHE A 126 6.25 -13.78 -2.60
N GLU A 127 6.81 -12.58 -2.50
CA GLU A 127 7.68 -12.12 -3.54
C GLU A 127 8.79 -13.11 -3.68
N TYR A 128 9.39 -13.49 -2.58
CA TYR A 128 10.58 -14.29 -2.64
C TYR A 128 10.28 -15.70 -3.16
N LEU A 129 9.26 -16.31 -2.58
CA LEU A 129 8.78 -17.61 -3.00
C LEU A 129 8.62 -17.69 -4.52
N PHE A 130 7.77 -16.85 -5.08
CA PHE A 130 7.52 -16.90 -6.51
C PHE A 130 8.71 -16.64 -7.43
N SER A 131 9.67 -15.85 -6.98
CA SER A 131 10.82 -15.65 -7.84
C SER A 131 11.71 -16.88 -7.80
N LEU A 132 11.79 -17.53 -6.64
CA LEU A 132 12.51 -18.81 -6.53
C LEU A 132 11.88 -19.83 -7.48
N ILE A 133 10.56 -19.92 -7.44
CA ILE A 133 9.81 -20.79 -8.33
C ILE A 133 10.11 -20.43 -9.79
N ASP A 134 9.96 -19.16 -10.15
CA ASP A 134 10.22 -18.70 -11.52
C ASP A 134 11.56 -19.18 -11.91
N ARG A 135 12.47 -19.14 -10.99
CA ARG A 135 13.72 -19.56 -11.42
C ARG A 135 13.96 -21.04 -11.46
N GLU A 136 13.25 -21.78 -10.64
CA GLU A 136 13.37 -23.21 -10.73
C GLU A 136 13.03 -23.72 -12.15
N LYS A 137 12.44 -22.92 -13.03
CA LYS A 137 12.24 -23.38 -14.40
C LYS A 137 13.13 -22.68 -15.44
N GLY A 143 9.86 -29.58 -17.13
CA GLY A 143 10.16 -30.72 -16.27
C GLY A 143 9.52 -30.68 -14.88
N LYS A 144 10.03 -29.80 -14.01
CA LYS A 144 9.42 -29.56 -12.71
C LYS A 144 8.28 -28.54 -12.87
N SER A 145 7.20 -28.68 -12.09
CA SER A 145 6.13 -27.71 -12.10
C SER A 145 5.64 -27.42 -10.68
N PHE A 146 4.91 -26.33 -10.48
CA PHE A 146 4.54 -25.92 -9.13
C PHE A 146 3.07 -25.58 -9.00
N LEU A 147 2.54 -25.85 -7.84
CA LEU A 147 1.17 -25.52 -7.58
C LEU A 147 1.06 -24.94 -6.17
N CYS A 148 0.51 -23.74 -6.07
CA CYS A 148 0.34 -23.11 -4.78
C CYS A 148 -1.10 -22.68 -4.56
N LYS A 149 -1.63 -23.01 -3.38
CA LYS A 149 -2.95 -22.55 -2.93
C LYS A 149 -2.83 -21.79 -1.61
N CYS A 150 -3.69 -20.80 -1.40
CA CYS A 150 -3.67 -20.04 -0.15
C CYS A 150 -4.92 -20.26 0.65
N SER A 151 -4.80 -20.24 1.96
CA SER A 151 -5.95 -20.13 2.83
C SER A 151 -5.65 -19.03 3.82
N PHE A 152 -6.68 -18.33 4.25
CA PHE A 152 -6.50 -17.31 5.25
C PHE A 152 -7.66 -17.44 6.22
N ILE A 153 -7.40 -17.77 7.48
CA ILE A 153 -8.48 -17.90 8.44
C ILE A 153 -8.16 -17.13 9.68
N GLU A 154 -9.17 -16.90 10.51
CA GLU A 154 -9.01 -16.18 11.75
C GLU A 154 -9.64 -17.00 12.88
N ILE A 155 -8.93 -17.11 14.00
CA ILE A 155 -9.50 -17.75 15.18
C ILE A 155 -9.83 -16.73 16.27
N TYR A 156 -11.09 -16.60 16.59
CA TYR A 156 -11.50 -15.62 17.59
C TYR A 156 -12.40 -16.30 18.61
N ASN A 157 -11.98 -16.26 19.86
CA ASN A 157 -12.72 -16.95 20.90
C ASN A 157 -12.90 -18.44 20.62
N GLU A 158 -11.81 -19.15 20.38
CA GLU A 158 -11.90 -20.58 20.20
C GLU A 158 -12.85 -20.91 19.03
N GLN A 159 -12.94 -20.00 18.07
CA GLN A 159 -13.87 -20.11 16.96
C GLN A 159 -13.32 -19.60 15.62
N ILE A 160 -13.63 -20.33 14.54
CA ILE A 160 -12.99 -20.13 13.25
C ILE A 160 -13.82 -19.34 12.22
N TYR A 161 -13.16 -18.44 11.50
CA TYR A 161 -13.79 -17.63 10.46
C TYR A 161 -12.92 -17.58 9.22
N ASP A 162 -13.54 -17.71 8.06
CA ASP A 162 -12.80 -17.76 6.79
C ASP A 162 -12.70 -16.37 6.21
N LEU A 163 -11.49 -15.85 6.12
CA LEU A 163 -11.24 -14.48 5.65
C LEU A 163 -11.39 -14.33 4.14
N LEU A 164 -11.35 -15.45 3.42
CA LEU A 164 -11.57 -15.44 1.98
C LEU A 164 -13.07 -15.42 1.63
N ASP A 165 -13.88 -15.93 2.56
CA ASP A 165 -15.33 -15.91 2.45
C ASP A 165 -16.00 -15.47 3.73
N SER A 166 -16.61 -14.30 3.72
CA SER A 166 -17.13 -13.75 4.97
C SER A 166 -18.48 -14.33 5.31
N ALA A 167 -19.03 -15.07 4.35
CA ALA A 167 -20.29 -15.75 4.53
C ALA A 167 -20.11 -17.15 5.09
N SER A 168 -18.87 -17.63 5.12
CA SER A 168 -18.63 -18.99 5.61
C SER A 168 -18.99 -19.13 7.07
N ALA A 169 -19.45 -20.32 7.44
CA ALA A 169 -19.80 -20.63 8.82
C ALA A 169 -19.61 -22.12 9.02
N GLY A 170 -19.40 -22.53 10.27
CA GLY A 170 -19.19 -23.93 10.56
C GLY A 170 -17.84 -24.41 10.07
N LEU A 171 -16.80 -23.66 10.41
CA LEU A 171 -15.45 -24.13 10.14
C LEU A 171 -14.93 -24.86 11.36
N TYR A 172 -14.19 -25.94 11.16
CA TYR A 172 -13.74 -26.72 12.29
C TYR A 172 -12.50 -27.46 11.88
N LEU A 173 -11.75 -27.94 12.88
CA LEU A 173 -10.43 -28.53 12.67
C LEU A 173 -10.49 -30.03 12.51
N ARG A 174 -9.61 -30.57 11.68
CA ARG A 174 -9.59 -32.00 11.49
C ARG A 174 -8.22 -32.52 11.14
N GLU A 175 -7.90 -33.69 11.69
CA GLU A 175 -6.60 -34.32 11.49
C GLU A 175 -6.54 -35.07 10.17
N HIS A 176 -5.35 -35.22 9.61
CA HIS A 176 -5.17 -36.03 8.44
C HIS A 176 -4.11 -37.08 8.76
N ILE A 177 -4.05 -38.12 7.92
CA ILE A 177 -3.03 -39.17 7.98
C ILE A 177 -1.67 -38.58 7.63
N LYS A 178 -1.70 -37.62 6.71
CA LYS A 178 -0.49 -37.00 6.21
C LYS A 178 0.13 -36.26 7.39
N LYS A 179 -0.63 -36.23 8.50
CA LYS A 179 -0.33 -35.50 9.74
C LYS A 179 -0.84 -34.06 9.73
N GLY A 180 -1.29 -33.57 8.58
CA GLY A 180 -1.80 -32.22 8.54
C GLY A 180 -3.07 -32.05 9.36
N VAL A 181 -3.07 -31.10 10.28
CA VAL A 181 -4.33 -30.60 10.80
C VAL A 181 -4.80 -29.48 9.89
N PHE A 182 -6.09 -29.46 9.54
CA PHE A 182 -6.58 -28.42 8.65
C PHE A 182 -7.98 -27.96 9.00
N VAL A 183 -8.34 -26.82 8.43
CA VAL A 183 -9.68 -26.26 8.60
C VAL A 183 -10.54 -26.82 7.50
N VAL A 184 -11.54 -27.60 7.91
CA VAL A 184 -12.46 -28.22 6.98
C VAL A 184 -13.36 -27.14 6.35
N GLY A 185 -13.35 -27.07 5.03
CA GLY A 185 -14.21 -26.14 4.32
C GLY A 185 -13.71 -24.71 4.25
N ALA A 186 -12.42 -24.52 4.35
CA ALA A 186 -11.85 -23.20 4.17
C ALA A 186 -11.48 -23.05 2.71
N VAL A 187 -11.77 -21.87 2.14
CA VAL A 187 -11.42 -21.57 0.76
C VAL A 187 -9.94 -21.80 0.56
N GLU A 188 -9.58 -22.55 -0.46
CA GLU A 188 -8.18 -22.64 -0.83
C GLU A 188 -8.01 -21.97 -2.20
N GLN A 189 -7.41 -20.80 -2.22
CA GLN A 189 -7.26 -20.03 -3.45
C GLN A 189 -5.97 -20.33 -4.16
N VAL A 190 -6.05 -20.79 -5.41
CA VAL A 190 -4.88 -21.01 -6.25
C VAL A 190 -4.27 -19.67 -6.69
N VAL A 191 -2.95 -19.57 -6.61
CA VAL A 191 -2.25 -18.34 -6.97
C VAL A 191 -1.03 -18.70 -7.77
N THR A 192 -0.85 -18.05 -8.91
CA THR A 192 0.34 -18.24 -9.73
C THR A 192 1.41 -17.16 -9.62
N SER A 193 1.18 -16.13 -8.82
CA SER A 193 2.16 -15.03 -8.72
C SER A 193 2.07 -14.33 -7.37
N ALA A 194 3.17 -13.66 -7.01
CA ALA A 194 3.18 -12.81 -5.84
C ALA A 194 1.95 -11.92 -5.87
N ALA A 195 1.74 -11.26 -7.00
CA ALA A 195 0.65 -10.30 -7.14
C ALA A 195 -0.68 -10.92 -6.84
N GLU A 196 -0.92 -12.15 -7.29
CA GLU A 196 -2.18 -12.81 -6.99
C GLU A 196 -2.26 -13.14 -5.52
N ALA A 197 -1.15 -13.62 -4.96
CA ALA A 197 -1.05 -13.84 -3.52
C ALA A 197 -1.42 -12.56 -2.79
N TYR A 198 -0.87 -11.44 -3.27
CA TYR A 198 -1.17 -10.17 -2.64
C TYR A 198 -2.66 -9.78 -2.50
N GLN A 199 -3.56 -10.09 -3.45
CA GLN A 199 -4.99 -9.77 -3.17
C GLN A 199 -5.65 -10.75 -2.27
N VAL A 200 -5.15 -11.97 -2.26
CA VAL A 200 -5.69 -12.87 -1.30
C VAL A 200 -5.47 -12.16 0.04
N LEU A 201 -4.21 -11.87 0.34
CA LEU A 201 -3.87 -11.18 1.57
C LEU A 201 -4.69 -9.91 1.78
N SER A 202 -4.63 -9.01 0.81
CA SER A 202 -5.41 -7.77 0.86
C SER A 202 -6.88 -7.98 1.19
N GLY A 203 -7.53 -8.88 0.45
CA GLY A 203 -8.95 -9.12 0.65
C GLY A 203 -9.25 -9.62 2.04
N GLY A 204 -8.37 -10.48 2.52
CA GLY A 204 -8.62 -11.10 3.81
C GLY A 204 -8.33 -10.11 4.89
N TRP A 205 -7.18 -9.45 4.76
CA TRP A 205 -6.70 -8.56 5.80
C TRP A 205 -7.68 -7.44 5.99
N ARG A 206 -8.43 -7.18 4.94
CA ARG A 206 -9.49 -6.24 5.06
C ARG A 206 -10.68 -6.80 5.86
N ASN A 207 -11.15 -7.98 5.47
CA ASN A 207 -12.22 -8.64 6.20
C ASN A 207 -11.88 -8.64 7.68
N ARG A 208 -10.64 -8.97 8.00
CA ARG A 208 -10.20 -8.97 9.39
C ARG A 208 -10.41 -7.58 10.01
N ARG A 209 -9.87 -6.54 9.37
CA ARG A 209 -10.06 -5.17 9.88
C ARG A 209 -11.54 -4.78 9.96
N VAL A 210 -12.32 -5.21 8.98
CA VAL A 210 -13.72 -4.82 8.89
C VAL A 210 -14.56 -5.48 9.98
N ALA A 211 -14.19 -6.70 10.34
CA ALA A 211 -14.90 -7.45 11.36
C ALA A 211 -14.56 -6.89 12.72
N SER A 212 -13.31 -6.46 12.86
CA SER A 212 -12.82 -5.92 14.11
C SER A 212 -13.47 -4.59 14.40
N THR A 213 -14.06 -3.93 13.39
CA THR A 213 -14.83 -2.83 13.86
C THR A 213 -16.30 -3.07 13.73
N SER A 214 -16.83 -3.99 14.52
CA SER A 214 -17.97 -3.91 15.37
C SER A 214 -17.60 -4.78 16.53
N MET A 215 -17.69 -6.07 16.21
CA MET A 215 -17.24 -7.20 17.01
C MET A 215 -17.49 -8.48 16.19
N ASN A 216 -16.75 -9.57 16.46
CA ASN A 216 -15.29 -9.52 16.71
C ASN A 216 -14.79 -8.32 17.53
N ARG A 217 -15.17 -8.29 18.81
CA ARG A 217 -15.07 -7.08 19.62
C ARG A 217 -13.69 -6.43 19.59
N GLU A 218 -12.66 -7.24 19.34
CA GLU A 218 -11.32 -6.70 19.13
C GLU A 218 -10.53 -7.55 18.15
N SER A 219 -9.62 -6.90 17.42
CA SER A 219 -8.69 -7.61 16.55
C SER A 219 -7.49 -8.06 17.40
N SER A 220 -7.41 -7.48 18.59
CA SER A 220 -6.33 -7.75 19.53
C SER A 220 -6.50 -9.11 20.17
N ARG A 221 -7.71 -9.66 20.11
CA ARG A 221 -7.93 -11.05 20.52
C ARG A 221 -7.98 -12.09 19.42
N SER A 222 -7.81 -11.72 18.17
CA SER A 222 -8.00 -12.72 17.15
C SER A 222 -6.65 -13.12 16.67
N HIS A 223 -6.48 -14.40 16.37
CA HIS A 223 -5.31 -14.92 15.69
C HIS A 223 -5.62 -14.98 14.20
N ALA A 224 -4.63 -14.70 13.37
CA ALA A 224 -4.82 -14.73 11.92
C ALA A 224 -3.81 -15.69 11.33
N VAL A 225 -4.29 -16.60 10.48
CA VAL A 225 -3.43 -17.62 9.94
C VAL A 225 -3.52 -17.64 8.43
N PHE A 226 -2.39 -17.30 7.81
CA PHE A 226 -2.33 -17.25 6.38
C PHE A 226 -1.47 -18.43 5.99
N THR A 227 -1.97 -19.24 5.07
CA THR A 227 -1.31 -20.50 4.76
C THR A 227 -1.10 -20.65 3.28
N ILE A 228 0.07 -21.12 2.89
CA ILE A 228 0.27 -21.45 1.50
C ILE A 228 0.72 -22.88 1.41
N THR A 229 0.05 -23.63 0.55
CA THR A 229 0.57 -24.94 0.23
C THR A 229 1.39 -24.85 -1.03
N ILE A 230 2.56 -25.43 -0.97
CA ILE A 230 3.51 -25.36 -2.06
C ILE A 230 3.85 -26.78 -2.47
N GLU A 231 3.52 -27.09 -3.71
CA GLU A 231 3.57 -28.46 -4.16
C GLU A 231 4.29 -28.45 -5.48
N SER A 232 5.41 -29.16 -5.56
CA SER A 232 6.11 -29.27 -6.83
C SER A 232 6.10 -30.72 -7.34
N MET A 233 6.17 -30.87 -8.66
CA MET A 233 6.26 -32.18 -9.30
C MET A 233 7.44 -32.18 -10.25
N GLU A 234 8.37 -33.10 -10.03
CA GLU A 234 9.52 -33.23 -10.91
C GLU A 234 9.18 -34.43 -11.77
N LYS A 235 8.84 -34.21 -13.05
CA LYS A 235 8.18 -35.30 -13.75
C LYS A 235 8.83 -35.80 -15.02
N SER A 236 9.52 -36.93 -14.90
CA SER A 236 10.41 -37.32 -15.98
C SER A 236 9.94 -38.70 -16.38
N ASN A 237 9.25 -38.80 -17.53
CA ASN A 237 8.27 -39.87 -17.73
C ASN A 237 8.96 -41.12 -17.45
N GLU A 238 8.28 -42.08 -16.85
CA GLU A 238 6.86 -42.06 -16.44
C GLU A 238 6.75 -41.54 -15.02
N ILE A 239 7.91 -41.46 -14.37
CA ILE A 239 7.99 -41.27 -12.94
C ILE A 239 7.81 -39.82 -12.51
N VAL A 240 7.21 -39.64 -11.34
CA VAL A 240 7.00 -38.31 -10.82
C VAL A 240 7.26 -38.23 -9.31
N ASN A 241 8.18 -37.37 -8.92
CA ASN A 241 8.42 -37.09 -7.52
C ASN A 241 7.53 -35.92 -7.11
N ILE A 242 6.91 -36.02 -5.93
CA ILE A 242 6.08 -34.93 -5.44
C ILE A 242 6.49 -34.44 -4.06
N ARG A 243 6.82 -33.16 -4.01
CA ARG A 243 7.13 -32.51 -2.76
C ARG A 243 6.02 -31.59 -2.35
N THR A 244 5.60 -31.68 -1.10
CA THR A 244 4.56 -30.77 -0.67
C THR A 244 4.88 -30.12 0.67
N SER A 245 4.75 -28.80 0.68
CA SER A 245 5.10 -27.99 1.84
C SER A 245 3.97 -27.08 2.31
N LEU A 246 3.69 -27.11 3.61
CA LEU A 246 2.71 -26.24 4.24
C LEU A 246 3.40 -25.05 4.94
N LEU A 247 3.15 -23.82 4.48
CA LEU A 247 3.79 -22.64 5.08
C LEU A 247 2.76 -21.82 5.81
N ASN A 248 2.92 -21.75 7.14
CA ASN A 248 1.99 -21.04 8.01
C ASN A 248 2.57 -19.72 8.47
N LEU A 249 1.86 -18.62 8.21
CA LEU A 249 2.34 -17.32 8.64
C LEU A 249 1.29 -16.76 9.51
N VAL A 250 1.61 -16.57 10.78
CA VAL A 250 0.60 -16.35 11.80
C VAL A 250 0.79 -15.04 12.53
N ASP A 251 -0.30 -14.30 12.73
CA ASP A 251 -0.26 -13.07 13.53
C ASP A 251 -1.11 -13.40 14.73
N LEU A 252 -0.49 -13.61 15.89
CA LEU A 252 -1.20 -14.04 17.09
C LEU A 252 -2.05 -12.99 17.83
N ALA A 253 -2.97 -13.48 18.64
CA ALA A 253 -3.70 -12.65 19.57
C ALA A 253 -2.67 -12.10 20.50
N GLY A 254 -2.93 -10.93 21.06
CA GLY A 254 -2.01 -10.31 22.00
C GLY A 254 -1.85 -11.11 23.28
N SER A 255 -0.64 -11.08 23.83
CA SER A 255 -0.26 -11.96 24.92
C SER A 255 -0.43 -11.40 26.33
N GLU A 256 -0.88 -10.15 26.43
CA GLU A 256 -1.03 -9.48 27.71
C GLU A 256 -2.16 -10.09 28.54
N ARG A 257 -2.15 -9.80 29.83
CA ARG A 257 -3.16 -10.29 30.75
C ARG A 257 -4.25 -9.25 30.97
N ASN A 273 -5.46 -9.70 31.27
CA ASN A 273 -5.74 -11.14 31.36
C ASN A 273 -5.15 -11.90 30.18
N ILE A 274 -4.84 -13.17 30.41
CA ILE A 274 -4.19 -13.99 29.38
C ILE A 274 -5.19 -14.82 28.58
N ASN A 275 -5.38 -14.44 27.32
CA ASN A 275 -6.25 -15.20 26.39
C ASN A 275 -5.92 -16.70 26.48
N ARG A 276 -6.95 -17.54 26.59
CA ARG A 276 -6.67 -18.94 26.95
C ARG A 276 -5.91 -19.77 25.91
N SER A 277 -6.21 -19.57 24.62
CA SER A 277 -5.45 -20.22 23.56
C SER A 277 -3.94 -19.91 23.70
N LEU A 278 -3.64 -18.70 24.15
CA LEU A 278 -2.25 -18.33 24.41
C LEU A 278 -1.73 -19.00 25.65
N SER A 279 -2.62 -19.14 26.64
CA SER A 279 -2.28 -19.90 27.84
C SER A 279 -1.94 -21.36 27.47
N CYS A 280 -2.76 -21.94 26.58
CA CYS A 280 -2.44 -23.25 26.04
C CYS A 280 -1.09 -23.20 25.35
N LEU A 281 -0.83 -22.12 24.63
CA LEU A 281 0.43 -22.01 23.92
C LEU A 281 1.59 -22.10 24.93
N GLY A 282 1.50 -21.31 26.00
CA GLY A 282 2.43 -21.43 27.11
C GLY A 282 2.52 -22.83 27.68
N GLN A 283 1.39 -23.45 28.01
CA GLN A 283 1.42 -24.82 28.52
C GLN A 283 2.12 -25.78 27.58
N VAL A 284 1.79 -25.71 26.29
CA VAL A 284 2.41 -26.63 25.32
C VAL A 284 3.92 -26.41 25.26
N ILE A 285 4.35 -25.17 25.03
CA ILE A 285 5.77 -24.84 25.05
C ILE A 285 6.46 -25.43 26.28
N THR A 286 5.90 -25.17 27.46
CA THR A 286 6.45 -25.73 28.70
C THR A 286 6.56 -27.26 28.67
N ALA A 287 5.45 -27.96 28.55
CA ALA A 287 5.51 -29.42 28.51
C ALA A 287 6.60 -29.93 27.56
N LEU A 288 6.66 -29.37 26.35
CA LEU A 288 7.64 -29.79 25.36
C LEU A 288 9.07 -29.73 25.91
N VAL A 289 9.35 -28.66 26.63
CA VAL A 289 10.68 -28.48 27.18
C VAL A 289 11.03 -29.58 28.19
N ASP A 290 10.11 -29.86 29.12
CA ASP A 290 10.26 -30.95 30.09
C ASP A 290 10.63 -32.25 29.41
N VAL A 291 9.94 -32.51 28.31
CA VAL A 291 10.11 -33.72 27.52
C VAL A 291 11.43 -33.72 26.73
N GLY A 292 11.65 -32.67 25.95
CA GLY A 292 12.85 -32.60 25.13
C GLY A 292 14.09 -32.81 25.97
N ASN A 293 14.10 -32.26 27.17
CA ASN A 293 15.16 -32.55 28.10
C ASN A 293 14.55 -33.33 29.26
N GLY A 294 14.78 -34.63 29.28
CA GLY A 294 14.30 -35.49 30.34
C GLY A 294 12.80 -35.66 30.62
N LYS A 295 12.57 -36.23 31.80
CA LYS A 295 11.26 -36.51 32.35
C LYS A 295 10.36 -37.22 31.35
N GLN A 296 9.08 -36.92 31.44
CA GLN A 296 8.10 -37.12 30.38
C GLN A 296 6.93 -36.26 30.78
N ARG A 297 6.09 -35.91 29.82
CA ARG A 297 4.97 -35.03 30.07
C ARG A 297 3.91 -35.25 29.01
N HIS A 298 2.71 -34.80 29.34
CA HIS A 298 1.59 -34.77 28.43
C HIS A 298 1.48 -33.38 27.82
N VAL A 299 1.42 -33.28 26.50
CA VAL A 299 1.20 -31.98 25.86
C VAL A 299 -0.18 -31.86 25.24
N CYS A 300 -1.02 -30.94 25.72
CA CYS A 300 -2.37 -30.96 25.11
C CYS A 300 -2.40 -30.02 23.95
N TYR A 301 -2.35 -30.56 22.75
CA TYR A 301 -2.36 -29.74 21.58
C TYR A 301 -3.80 -29.39 21.36
N ARG A 302 -4.68 -30.27 21.80
CA ARG A 302 -6.09 -30.20 21.48
C ARG A 302 -6.82 -29.33 22.46
N ASP A 303 -6.09 -28.75 23.40
CA ASP A 303 -6.70 -27.86 24.39
C ASP A 303 -7.16 -26.53 23.79
N SER A 304 -6.68 -26.21 22.58
CA SER A 304 -7.09 -24.98 21.88
C SER A 304 -6.96 -25.19 20.37
N LYS A 305 -7.81 -24.52 19.61
CA LYS A 305 -7.76 -24.68 18.17
C LYS A 305 -6.39 -24.26 17.67
N LEU A 306 -5.81 -23.27 18.32
CA LEU A 306 -4.52 -22.75 17.92
C LEU A 306 -3.40 -23.76 18.11
N THR A 307 -3.32 -24.33 19.30
CA THR A 307 -2.22 -25.25 19.54
C THR A 307 -2.36 -26.52 18.71
N PHE A 308 -3.61 -26.86 18.42
CA PHE A 308 -3.90 -28.02 17.62
C PHE A 308 -3.50 -27.80 16.17
N LEU A 309 -4.01 -26.71 15.61
CA LEU A 309 -3.70 -26.39 14.22
C LEU A 309 -2.21 -26.19 14.01
N LEU A 310 -1.54 -25.76 15.08
CA LEU A 310 -0.11 -25.55 15.07
C LEU A 310 0.72 -26.73 15.57
N ARG A 311 0.06 -27.87 15.81
CA ARG A 311 0.73 -29.02 16.43
C ARG A 311 2.09 -29.36 15.83
N ASP A 312 2.20 -29.42 14.50
CA ASP A 312 3.48 -29.72 13.87
C ASP A 312 4.48 -28.62 14.06
N SER A 313 3.99 -27.40 14.18
CA SER A 313 4.88 -26.25 14.35
C SER A 313 5.58 -26.31 15.67
N LEU A 314 4.97 -26.97 16.66
CA LEU A 314 5.62 -27.08 17.95
C LEU A 314 6.05 -28.51 18.21
N GLY A 315 7.34 -28.77 18.08
CA GLY A 315 7.86 -30.10 18.35
C GLY A 315 7.59 -31.09 17.23
N GLY A 316 6.86 -30.66 16.21
CA GLY A 316 6.40 -31.57 15.17
C GLY A 316 7.19 -31.47 13.89
N ASN A 317 6.58 -31.82 12.76
CA ASN A 317 7.37 -31.88 11.54
C ASN A 317 7.20 -30.55 10.84
N ALA A 318 8.20 -29.69 11.01
CA ALA A 318 8.18 -28.37 10.42
C ALA A 318 9.37 -27.56 10.92
N LYS A 319 9.69 -26.53 10.16
CA LYS A 319 10.77 -25.65 10.52
C LYS A 319 10.16 -24.35 10.99
N THR A 320 10.33 -24.03 12.27
CA THR A 320 9.57 -22.94 12.88
C THR A 320 10.42 -21.78 13.28
N ALA A 321 9.92 -20.57 13.01
CA ALA A 321 10.58 -19.36 13.54
C ALA A 321 9.58 -18.50 14.25
N ILE A 322 9.94 -18.07 15.44
CA ILE A 322 9.10 -17.19 16.21
C ILE A 322 9.70 -15.79 16.28
N ILE A 323 8.92 -14.79 15.93
CA ILE A 323 9.33 -13.42 16.19
C ILE A 323 8.63 -12.91 17.43
N ALA A 324 9.40 -12.51 18.43
CA ALA A 324 8.81 -11.98 19.64
C ALA A 324 8.92 -10.46 19.62
N ASN A 325 7.77 -9.80 19.49
CA ASN A 325 7.72 -8.34 19.46
C ASN A 325 7.60 -7.73 20.85
N VAL A 326 8.44 -6.76 21.15
CA VAL A 326 8.36 -6.04 22.42
C VAL A 326 8.53 -4.55 22.20
N HIS A 327 7.97 -3.80 23.13
CA HIS A 327 7.95 -2.35 23.08
C HIS A 327 8.87 -2.00 24.22
N PRO A 328 9.95 -1.27 23.95
CA PRO A 328 10.81 -0.99 25.09
C PRO A 328 10.07 0.10 25.83
N GLY A 329 10.66 0.64 26.87
CA GLY A 329 9.86 1.63 27.56
C GLY A 329 9.21 1.06 28.80
N SER A 330 9.14 1.93 29.79
CA SER A 330 9.16 1.48 31.16
C SER A 330 7.83 0.92 31.57
N ARG A 331 6.74 1.39 30.99
CA ARG A 331 5.42 0.88 31.37
CA ARG A 331 5.43 0.90 31.38
C ARG A 331 5.06 -0.40 30.66
N CYS A 332 5.93 -0.86 29.77
CA CYS A 332 5.78 -2.19 29.14
C CYS A 332 6.63 -3.25 29.81
N PHE A 333 7.31 -2.86 30.87
CA PHE A 333 8.23 -3.78 31.51
C PHE A 333 7.61 -5.16 31.76
N GLY A 334 6.44 -5.18 32.39
CA GLY A 334 5.82 -6.45 32.76
C GLY A 334 5.56 -7.37 31.59
N GLU A 335 4.96 -6.81 30.54
CA GLU A 335 4.59 -7.63 29.41
C GLU A 335 5.80 -7.99 28.60
N THR A 336 6.76 -7.06 28.57
CA THR A 336 8.04 -7.35 27.94
C THR A 336 8.72 -8.54 28.63
N LEU A 337 8.76 -8.48 29.96
CA LEU A 337 9.34 -9.57 30.71
C LEU A 337 8.66 -10.89 30.37
N SER A 338 7.32 -10.88 30.31
CA SER A 338 6.60 -12.11 29.96
C SER A 338 6.98 -12.59 28.57
N THR A 339 6.90 -11.70 27.60
CA THR A 339 7.30 -12.06 26.26
C THR A 339 8.68 -12.69 26.21
N LEU A 340 9.67 -12.03 26.80
CA LEU A 340 11.02 -12.58 26.78
C LEU A 340 11.07 -13.93 27.48
N ASN A 341 10.37 -14.05 28.61
CA ASN A 341 10.34 -15.34 29.27
C ASN A 341 9.78 -16.43 28.36
N PHE A 342 8.66 -16.13 27.72
CA PHE A 342 8.05 -17.09 26.80
C PHE A 342 9.00 -17.51 25.69
N ALA A 343 9.63 -16.53 25.06
CA ALA A 343 10.51 -16.75 23.92
C ALA A 343 11.74 -17.56 24.30
N GLN A 344 12.32 -17.25 25.45
CA GLN A 344 13.43 -18.02 25.98
C GLN A 344 13.15 -19.55 26.05
N ARG A 345 11.98 -19.96 26.56
CA ARG A 345 11.64 -21.38 26.60
C ARG A 345 11.43 -21.90 25.22
N ALA A 346 10.70 -21.13 24.43
CA ALA A 346 10.42 -21.54 23.07
C ALA A 346 11.72 -21.95 22.39
N LYS A 347 12.79 -21.19 22.59
CA LYS A 347 14.05 -21.50 21.93
CA LYS A 347 14.07 -21.49 21.95
C LYS A 347 14.61 -22.84 22.38
N LEU A 348 14.04 -23.39 23.45
CA LEU A 348 14.49 -24.69 23.93
C LEU A 348 13.89 -25.87 23.13
N ILE A 349 12.73 -25.63 22.55
CA ILE A 349 12.02 -26.67 21.81
C ILE A 349 12.71 -27.13 20.53
N LYS A 350 12.50 -28.40 20.20
CA LYS A 350 13.18 -29.04 19.07
C LYS A 350 12.16 -29.63 18.14
N ASN A 351 12.30 -29.39 16.85
CA ASN A 351 11.34 -30.06 15.98
C ASN A 351 11.99 -31.22 15.28
N LYS A 352 11.19 -31.99 14.56
CA LYS A 352 11.77 -32.96 13.66
C LYS A 352 11.14 -32.79 12.32
N ALA A 353 11.89 -32.26 11.38
CA ALA A 353 11.26 -31.85 10.15
C ALA A 353 11.92 -32.59 9.03
N VAL A 354 11.09 -33.17 8.18
CA VAL A 354 11.54 -34.06 7.13
C VAL A 354 11.04 -33.48 5.84
N VAL A 355 11.65 -33.85 4.72
CA VAL A 355 11.10 -33.52 3.42
C VAL A 355 9.84 -34.34 3.19
N ASN A 356 8.73 -33.69 2.86
CA ASN A 356 7.49 -34.42 2.65
C ASN A 356 7.42 -34.73 1.18
N GLU A 357 7.57 -36.00 0.85
CA GLU A 357 7.90 -36.40 -0.49
C GLU A 357 6.99 -37.51 -0.98
N ASP A 358 7.24 -37.97 -2.19
CA ASP A 358 6.42 -39.00 -2.79
C ASP A 358 6.88 -39.30 -4.19
N THR A 359 6.50 -40.47 -4.69
CA THR A 359 6.96 -40.91 -5.98
C THR A 359 5.80 -41.62 -6.62
N GLN A 360 5.59 -41.40 -7.91
CA GLN A 360 4.53 -42.09 -8.65
C GLN A 360 4.84 -42.20 -10.16
N GLY A 361 3.86 -42.71 -10.91
CA GLY A 361 4.04 -42.99 -12.32
C GLY A 361 4.40 -44.45 -12.55
N GLY B 10 35.26 18.75 10.72
CA GLY B 10 34.15 18.41 9.87
C GLY B 10 33.53 17.05 10.20
N ASP B 11 32.79 16.51 9.25
CA ASP B 11 32.16 15.20 9.39
C ASP B 11 32.82 14.22 8.42
N ALA B 12 33.28 13.08 8.95
CA ALA B 12 33.99 12.07 8.14
C ALA B 12 33.04 11.51 7.10
N ILE B 13 33.57 11.18 5.93
CA ILE B 13 32.67 10.67 4.93
C ILE B 13 32.26 9.25 5.33
N LYS B 14 31.36 8.65 4.59
CA LYS B 14 30.85 7.35 4.95
C LYS B 14 31.27 6.31 3.94
N VAL B 15 31.89 5.26 4.45
CA VAL B 15 32.37 4.19 3.59
C VAL B 15 31.65 2.89 3.87
N PHE B 16 31.27 2.23 2.80
CA PHE B 16 30.53 1.00 2.87
C PHE B 16 31.25 0.03 1.99
N VAL B 17 31.17 -1.25 2.32
CA VAL B 17 31.78 -2.27 1.48
C VAL B 17 30.72 -3.24 1.10
N ARG B 18 30.58 -3.48 -0.19
CA ARG B 18 29.64 -4.49 -0.67
C ARG B 18 30.36 -5.65 -1.34
N ILE B 19 30.19 -6.85 -0.83
CA ILE B 19 30.77 -8.01 -1.48
C ILE B 19 29.74 -8.62 -2.41
N ARG B 20 30.07 -8.65 -3.70
CA ARG B 20 29.20 -9.31 -4.67
C ARG B 20 29.41 -10.81 -4.56
N PRO B 21 28.39 -11.58 -4.94
CA PRO B 21 28.53 -13.04 -4.99
C PRO B 21 29.33 -13.47 -6.21
N PRO B 22 30.14 -14.50 -6.05
CA PRO B 22 30.89 -15.06 -7.16
C PRO B 22 29.94 -15.60 -8.19
N ALA B 23 30.38 -15.82 -9.42
CA ALA B 23 29.55 -16.55 -10.39
C ALA B 23 29.30 -17.93 -9.82
N GLU B 24 28.15 -18.51 -10.18
CA GLU B 24 27.78 -19.82 -9.67
C GLU B 24 28.57 -20.96 -10.31
N ARG B 25 28.82 -22.00 -9.53
CA ARG B 25 29.61 -23.15 -9.95
C ARG B 25 31.09 -22.88 -10.31
N SER B 26 31.93 -22.54 -9.33
CA SER B 26 33.40 -22.47 -9.55
C SER B 26 34.15 -23.71 -9.05
N GLN B 33 35.14 -22.26 -4.10
CA GLN B 33 35.26 -22.61 -2.68
C GLN B 33 35.91 -21.44 -1.95
N ASN B 34 37.19 -21.64 -1.65
CA ASN B 34 38.02 -20.80 -0.84
C ASN B 34 37.90 -19.30 -1.16
N LEU B 35 37.40 -18.55 -0.18
CA LEU B 35 36.98 -17.18 -0.40
C LEU B 35 37.91 -15.98 -0.31
N CYS B 36 38.81 -16.01 0.67
CA CYS B 36 39.77 -14.89 0.83
C CYS B 36 39.23 -13.72 1.64
N LEU B 37 37.95 -13.75 1.91
CA LEU B 37 37.26 -12.69 2.62
C LEU B 37 36.19 -13.32 3.54
N SER B 38 36.07 -12.83 4.78
CA SER B 38 34.96 -13.25 5.66
C SER B 38 34.37 -12.10 6.44
N VAL B 39 33.04 -11.97 6.36
CA VAL B 39 32.37 -10.88 7.05
C VAL B 39 32.19 -11.25 8.53
N LEU B 40 32.79 -10.46 9.41
CA LEU B 40 32.74 -10.72 10.84
C LEU B 40 31.49 -10.22 11.52
N SER B 41 30.84 -9.24 10.90
CA SER B 41 29.73 -8.50 11.52
C SER B 41 29.30 -7.40 10.56
N SER B 42 28.24 -6.68 10.88
CA SER B 42 27.77 -5.66 9.97
C SER B 42 28.76 -4.50 9.76
N THR B 43 29.64 -4.23 10.74
CA THR B 43 30.72 -3.26 10.57
C THR B 43 32.10 -3.82 10.26
N SER B 44 32.24 -5.13 10.13
CA SER B 44 33.60 -5.68 10.21
C SER B 44 33.86 -6.83 9.27
N LEU B 45 35.06 -6.86 8.71
CA LEU B 45 35.42 -7.97 7.84
C LEU B 45 36.88 -8.37 7.96
N ARG B 46 37.11 -9.64 7.71
CA ARG B 46 38.44 -10.17 7.79
C ARG B 46 38.91 -10.49 6.39
N LEU B 47 40.11 -10.00 6.05
CA LEU B 47 40.81 -10.42 4.85
C LEU B 47 41.85 -11.50 5.16
N HIS B 48 41.81 -12.58 4.41
CA HIS B 48 42.56 -13.81 4.66
C HIS B 48 44.05 -13.85 4.21
N SER B 49 44.74 -12.74 4.25
CA SER B 49 46.18 -12.70 3.96
C SER B 49 47.03 -13.63 4.82
N ASN B 50 48.11 -14.12 4.26
CA ASN B 50 49.00 -14.96 5.05
C ASN B 50 50.38 -14.41 5.01
N PRO B 51 51.16 -14.56 6.09
CA PRO B 51 50.85 -15.27 7.33
C PRO B 51 49.84 -14.60 8.26
N GLU B 52 49.73 -13.27 8.25
CA GLU B 52 48.82 -12.59 9.17
C GLU B 52 47.61 -11.97 8.48
N PRO B 53 46.43 -12.36 8.91
CA PRO B 53 45.17 -11.79 8.41
C PRO B 53 44.99 -10.35 8.84
N LYS B 54 44.15 -9.63 8.12
CA LYS B 54 43.86 -8.25 8.39
C LYS B 54 42.36 -8.13 8.58
N THR B 55 41.96 -7.17 9.39
CA THR B 55 40.54 -6.91 9.50
C THR B 55 40.29 -5.42 9.29
N PHE B 56 39.14 -5.11 8.69
CA PHE B 56 38.78 -3.74 8.42
C PHE B 56 37.46 -3.41 9.08
N THR B 57 37.28 -2.14 9.43
CA THR B 57 36.05 -1.63 10.03
C THR B 57 35.51 -0.54 9.12
N PHE B 58 34.23 -0.61 8.79
CA PHE B 58 33.57 0.40 7.96
C PHE B 58 32.22 0.75 8.53
N ASP B 59 31.54 1.70 7.92
CA ASP B 59 30.24 2.09 8.42
C ASP B 59 29.27 0.95 8.23
N HIS B 60 29.40 0.23 7.12
CA HIS B 60 28.67 -1.03 6.98
C HIS B 60 29.40 -2.01 6.06
N VAL B 61 29.27 -3.31 6.36
CA VAL B 61 29.74 -4.34 5.46
C VAL B 61 28.59 -5.21 5.02
N ALA B 62 28.31 -5.25 3.73
CA ALA B 62 27.21 -6.05 3.18
C ALA B 62 27.70 -7.31 2.45
N ASP B 63 27.24 -8.48 2.88
CA ASP B 63 27.68 -9.73 2.31
C ASP B 63 26.95 -10.04 0.99
N VAL B 64 27.30 -11.19 0.43
CA VAL B 64 26.93 -11.53 -0.93
C VAL B 64 25.43 -11.62 -1.14
N ASP B 65 24.68 -11.75 -0.05
CA ASP B 65 23.23 -11.90 -0.18
C ASP B 65 22.44 -10.61 -0.06
N THR B 66 23.11 -9.50 0.26
CA THR B 66 22.47 -8.21 0.45
C THR B 66 21.69 -7.79 -0.78
N THR B 67 20.46 -7.30 -0.60
CA THR B 67 19.64 -6.92 -1.74
C THR B 67 19.81 -5.48 -2.17
N GLN B 68 19.19 -5.15 -3.30
CA GLN B 68 19.38 -3.85 -3.87
C GLN B 68 18.79 -2.85 -2.89
N GLU B 69 17.62 -3.21 -2.40
CA GLU B 69 16.89 -2.37 -1.49
C GLU B 69 17.62 -2.13 -0.16
N SER B 70 18.22 -3.18 0.37
CA SER B 70 19.10 -3.06 1.51
C SER B 70 20.18 -1.96 1.30
N VAL B 71 20.84 -2.04 0.16
CA VAL B 71 21.91 -1.13 -0.15
C VAL B 71 21.38 0.30 -0.11
N PHE B 72 20.32 0.54 -0.84
CA PHE B 72 19.75 1.87 -0.82
C PHE B 72 19.51 2.38 0.63
N ALA B 73 18.83 1.59 1.44
CA ALA B 73 18.53 2.02 2.80
C ALA B 73 19.80 2.33 3.61
N THR B 74 20.83 1.50 3.46
CA THR B 74 22.03 1.66 4.26
C THR B 74 22.82 2.89 3.82
N VAL B 75 22.83 3.13 2.51
CA VAL B 75 23.78 4.07 1.91
C VAL B 75 23.15 5.39 1.46
N ALA B 76 22.19 5.29 0.55
CA ALA B 76 21.59 6.46 -0.10
C ALA B 76 20.49 7.20 0.66
N LYS B 77 19.67 6.48 1.41
CA LYS B 77 18.49 7.10 2.01
C LYS B 77 18.90 8.39 2.73
N SER B 78 19.93 8.27 3.56
CA SER B 78 20.45 9.40 4.32
C SER B 78 20.84 10.55 3.38
N ILE B 79 21.68 10.27 2.39
CA ILE B 79 22.15 11.28 1.44
C ILE B 79 21.03 12.07 0.78
N VAL B 80 19.99 11.38 0.33
CA VAL B 80 18.84 12.05 -0.26
C VAL B 80 18.21 12.99 0.75
N GLU B 81 17.94 12.49 1.94
CA GLU B 81 17.34 13.34 2.94
C GLU B 81 18.16 14.58 3.16
N SER B 82 19.46 14.44 3.32
CA SER B 82 20.23 15.62 3.61
C SER B 82 20.24 16.51 2.35
N CYS B 83 20.03 15.91 1.20
CA CYS B 83 19.87 16.70 0.00
C CYS B 83 18.65 17.60 0.09
N MET B 84 17.50 17.05 0.48
CA MET B 84 16.27 17.82 0.67
C MET B 84 16.44 19.00 1.63
N SER B 85 17.36 18.85 2.57
CA SER B 85 17.55 19.88 3.57
C SER B 85 18.61 20.89 3.12
N GLY B 86 19.06 20.77 1.88
CA GLY B 86 19.89 21.79 1.25
C GLY B 86 21.40 21.54 1.13
N TYR B 87 21.85 20.41 1.66
CA TYR B 87 23.24 20.02 1.57
C TYR B 87 23.54 19.41 0.21
N ASN B 88 24.75 19.61 -0.29
CA ASN B 88 25.19 18.90 -1.47
C ASN B 88 25.41 17.49 -1.03
N GLY B 89 25.31 16.52 -1.95
CA GLY B 89 25.65 15.17 -1.58
C GLY B 89 26.10 14.30 -2.72
N THR B 90 26.93 13.33 -2.39
CA THR B 90 27.56 12.50 -3.42
C THR B 90 27.70 11.04 -2.98
N ILE B 91 27.33 10.14 -3.89
CA ILE B 91 27.55 8.72 -3.70
C ILE B 91 28.34 8.23 -4.85
N PHE B 92 29.48 7.62 -4.59
CA PHE B 92 30.14 6.96 -5.69
C PHE B 92 30.62 5.56 -5.39
N ALA B 93 30.66 4.76 -6.44
CA ALA B 93 31.00 3.36 -6.34
C ALA B 93 32.43 3.15 -6.87
N TYR B 94 33.25 2.48 -6.08
CA TYR B 94 34.63 2.31 -6.44
C TYR B 94 34.96 0.84 -6.37
N GLY B 95 35.78 0.36 -7.29
CA GLY B 95 36.25 -1.00 -7.20
C GLY B 95 36.70 -1.52 -8.54
N GLN B 96 37.29 -2.69 -8.51
CA GLN B 96 37.90 -3.22 -9.70
C GLN B 96 36.80 -3.50 -10.71
N THR B 97 37.15 -3.56 -11.98
CA THR B 97 36.21 -3.97 -13.02
C THR B 97 35.65 -5.35 -12.72
N GLY B 98 34.33 -5.51 -12.87
CA GLY B 98 33.67 -6.76 -12.52
C GLY B 98 33.39 -6.90 -11.02
N SER B 99 33.58 -5.84 -10.23
CA SER B 99 33.26 -5.96 -8.80
C SER B 99 31.79 -5.70 -8.47
N GLY B 100 31.04 -5.16 -9.43
CA GLY B 100 29.67 -4.80 -9.21
C GLY B 100 29.32 -3.33 -9.07
N LYS B 101 30.23 -2.44 -9.48
CA LYS B 101 29.88 -1.04 -9.44
C LYS B 101 28.55 -0.75 -10.17
N THR B 102 28.44 -1.20 -11.43
CA THR B 102 27.31 -0.83 -12.25
C THR B 102 26.02 -1.46 -11.69
N PHE B 103 26.10 -2.74 -11.39
CA PHE B 103 24.99 -3.45 -10.79
C PHE B 103 24.50 -2.67 -9.57
N THR B 104 25.42 -2.19 -8.76
CA THR B 104 25.08 -1.38 -7.61
C THR B 104 24.40 -0.02 -7.90
N MET B 105 24.96 0.83 -8.76
CA MET B 105 24.38 2.18 -8.94
C MET B 105 23.19 2.21 -9.92
N MET B 106 23.09 1.16 -10.70
CA MET B 106 22.24 1.14 -11.85
C MET B 106 21.34 -0.08 -11.79
N GLY B 107 21.97 -1.25 -11.70
CA GLY B 107 21.34 -2.53 -11.88
C GLY B 107 21.75 -3.34 -13.10
N PRO B 108 21.15 -4.50 -13.27
CA PRO B 108 21.49 -5.29 -14.45
C PRO B 108 20.99 -4.61 -15.71
N SER B 109 21.61 -4.96 -16.84
CA SER B 109 21.31 -4.32 -18.11
C SER B 109 19.95 -4.87 -18.44
N GLU B 110 19.83 -6.12 -18.83
CA GLU B 110 18.54 -6.73 -18.59
C GLU B 110 18.78 -7.86 -17.63
N SER B 111 17.93 -7.98 -16.62
CA SER B 111 17.79 -9.27 -15.97
C SER B 111 16.37 -9.79 -16.18
N ASP B 112 16.25 -10.79 -17.06
CA ASP B 112 15.25 -11.83 -16.97
C ASP B 112 13.84 -11.33 -16.61
N ASN B 113 13.18 -12.03 -15.68
CA ASN B 113 11.94 -11.58 -15.07
C ASN B 113 12.28 -10.71 -13.88
N PHE B 114 13.54 -10.76 -13.49
CA PHE B 114 14.01 -10.24 -12.22
C PHE B 114 14.45 -8.76 -12.27
N SER B 115 14.26 -8.11 -13.42
CA SER B 115 14.76 -6.76 -13.61
C SER B 115 14.34 -5.70 -12.57
N HIS B 116 13.06 -5.66 -12.12
CA HIS B 116 12.61 -4.45 -11.43
C HIS B 116 13.11 -4.36 -10.01
N ASN B 117 13.10 -5.47 -9.28
CA ASN B 117 13.57 -5.42 -7.91
C ASN B 117 15.09 -5.44 -7.88
N LEU B 118 15.70 -5.51 -9.07
CA LEU B 118 17.15 -5.45 -9.21
C LEU B 118 17.75 -4.06 -9.49
N ARG B 119 16.91 -3.06 -9.66
CA ARG B 119 17.41 -1.75 -9.96
C ARG B 119 18.26 -1.30 -8.82
N GLY B 120 19.24 -0.45 -9.13
CA GLY B 120 20.24 -0.07 -8.16
C GLY B 120 19.99 1.28 -7.56
N VAL B 121 21.02 1.79 -6.91
CA VAL B 121 20.94 2.98 -6.10
C VAL B 121 20.31 4.17 -6.80
N ILE B 122 20.78 4.48 -7.99
CA ILE B 122 20.33 5.67 -8.69
C ILE B 122 18.82 5.73 -8.94
N PRO B 123 18.26 4.66 -9.52
CA PRO B 123 16.81 4.63 -9.72
C PRO B 123 16.04 4.76 -8.40
N ARG B 124 16.45 4.02 -7.38
CA ARG B 124 15.77 4.09 -6.11
C ARG B 124 15.87 5.50 -5.53
N SER B 125 16.96 6.19 -5.85
CA SER B 125 17.15 7.55 -5.36
C SER B 125 16.09 8.47 -5.94
N PHE B 126 15.89 8.39 -7.25
CA PHE B 126 14.82 9.13 -7.90
C PHE B 126 13.54 8.88 -7.19
N GLU B 127 13.23 7.61 -6.96
CA GLU B 127 11.93 7.28 -6.41
C GLU B 127 11.76 7.95 -5.09
N TYR B 128 12.79 7.85 -4.26
CA TYR B 128 12.69 8.36 -2.90
C TYR B 128 12.62 9.88 -2.87
N LEU B 129 13.51 10.52 -3.64
CA LEU B 129 13.57 11.97 -3.74
C LEU B 129 12.23 12.57 -4.08
N PHE B 130 11.63 12.09 -5.16
CA PHE B 130 10.34 12.65 -5.60
C PHE B 130 9.16 12.40 -4.68
N SER B 131 9.17 11.31 -3.93
CA SER B 131 8.09 11.10 -3.00
C SER B 131 8.22 12.06 -1.80
N LEU B 132 9.46 12.26 -1.37
CA LEU B 132 9.77 13.21 -0.33
C LEU B 132 9.27 14.58 -0.76
N ILE B 133 9.58 14.95 -1.99
CA ILE B 133 9.12 16.19 -2.57
C ILE B 133 7.60 16.25 -2.57
N ASP B 134 6.96 15.22 -3.11
CA ASP B 134 5.50 15.15 -3.15
C ASP B 134 4.96 15.42 -1.79
N ARG B 135 5.63 14.91 -0.79
CA ARG B 135 5.13 15.13 0.53
C ARG B 135 5.35 16.50 1.07
N GLU B 136 6.48 17.06 0.72
CA GLU B 136 6.79 18.38 1.21
C GLU B 136 5.72 19.33 0.75
N LYS B 137 5.18 19.01 -0.43
CA LYS B 137 4.28 19.89 -1.14
C LYS B 137 2.93 19.95 -0.44
N GLU B 138 2.77 19.19 0.62
CA GLU B 138 1.63 19.40 1.48
C GLU B 138 1.94 19.03 2.94
N GLY B 143 3.01 27.00 -1.18
CA GLY B 143 4.06 27.70 -0.45
C GLY B 143 5.49 27.41 -0.90
N LYS B 144 5.98 26.22 -0.53
CA LYS B 144 7.28 25.73 -1.03
C LYS B 144 7.12 25.09 -2.40
N SER B 145 8.10 25.25 -3.27
CA SER B 145 8.05 24.62 -4.58
C SER B 145 9.43 24.04 -4.92
N PHE B 146 9.50 23.19 -5.94
CA PHE B 146 10.74 22.47 -6.20
C PHE B 146 11.07 22.46 -7.67
N LEU B 147 12.37 22.51 -7.96
CA LEU B 147 12.83 22.44 -9.32
C LEU B 147 14.03 21.51 -9.42
N CYS B 148 13.94 20.51 -10.29
CA CYS B 148 15.03 19.56 -10.42
C CYS B 148 15.45 19.41 -11.87
N LYS B 149 16.76 19.46 -12.10
CA LYS B 149 17.33 19.24 -13.43
C LYS B 149 18.36 18.14 -13.33
N CYS B 150 18.50 17.36 -14.40
CA CYS B 150 19.50 16.29 -14.44
C CYS B 150 20.56 16.56 -15.49
N SER B 151 21.76 16.13 -15.20
CA SER B 151 22.80 16.02 -16.20
C SER B 151 23.37 14.60 -16.10
N PHE B 152 23.80 14.07 -17.23
CA PHE B 152 24.48 12.81 -17.23
C PHE B 152 25.69 12.92 -18.17
N ILE B 153 26.90 12.78 -17.65
CA ILE B 153 28.06 12.88 -18.52
C ILE B 153 28.97 11.73 -18.26
N GLU B 154 29.91 11.52 -19.18
CA GLU B 154 30.88 10.45 -19.05
C GLU B 154 32.30 11.02 -19.24
N ILE B 155 33.26 10.60 -18.40
CA ILE B 155 34.64 11.00 -18.61
C ILE B 155 35.48 9.81 -19.05
N TYR B 156 35.99 9.89 -20.26
CA TYR B 156 36.76 8.79 -20.81
C TYR B 156 38.08 9.33 -21.31
N ASN B 157 39.16 8.81 -20.76
CA ASN B 157 40.48 9.30 -21.13
C ASN B 157 40.64 10.80 -20.93
N GLU B 158 40.35 11.27 -19.73
CA GLU B 158 40.56 12.67 -19.41
C GLU B 158 39.73 13.54 -20.38
N GLN B 159 38.62 13.01 -20.84
CA GLN B 159 37.82 13.66 -21.86
C GLN B 159 36.31 13.49 -21.61
N ILE B 160 35.54 14.56 -21.85
CA ILE B 160 34.12 14.60 -21.49
C ILE B 160 33.14 14.35 -22.65
N TYR B 161 32.12 13.53 -22.39
CA TYR B 161 31.03 13.27 -23.34
C TYR B 161 29.67 13.41 -22.68
N ASP B 162 28.72 14.04 -23.37
CA ASP B 162 27.39 14.26 -22.84
C ASP B 162 26.51 13.08 -23.21
N LEU B 163 26.00 12.38 -22.21
CA LEU B 163 25.18 11.21 -22.45
C LEU B 163 23.75 11.58 -22.87
N LEU B 164 23.35 12.81 -22.60
CA LEU B 164 22.03 13.28 -22.99
C LEU B 164 22.02 13.72 -24.46
N ASP B 165 23.19 14.08 -24.95
CA ASP B 165 23.36 14.45 -26.35
C ASP B 165 24.60 13.82 -26.97
N SER B 166 24.42 12.89 -27.89
CA SER B 166 25.57 12.12 -28.36
C SER B 166 26.31 12.89 -29.43
N ALA B 167 25.71 13.98 -29.88
CA ALA B 167 26.33 14.85 -30.87
C ALA B 167 27.16 15.93 -30.22
N SER B 168 27.03 16.10 -28.90
CA SER B 168 27.78 17.14 -28.20
C SER B 168 29.28 16.93 -28.33
N ALA B 169 30.02 18.03 -28.37
CA ALA B 169 31.47 18.00 -28.41
C ALA B 169 32.01 19.26 -27.78
N GLY B 170 33.26 19.22 -27.33
CA GLY B 170 33.84 20.38 -26.67
C GLY B 170 33.25 20.65 -25.30
N LEU B 171 33.18 19.62 -24.49
CA LEU B 171 32.72 19.82 -23.12
C LEU B 171 33.97 20.03 -22.27
N TYR B 172 33.87 20.90 -21.27
CA TYR B 172 35.02 21.18 -20.45
C TYR B 172 34.56 21.71 -19.13
N LEU B 173 35.47 21.71 -18.16
CA LEU B 173 35.14 21.96 -16.77
C LEU B 173 35.35 23.41 -16.42
N ARG B 174 34.51 23.93 -15.55
CA ARG B 174 34.69 25.30 -15.13
C ARG B 174 34.22 25.54 -13.70
N GLU B 175 34.96 26.36 -12.98
CA GLU B 175 34.65 26.69 -11.60
C GLU B 175 33.58 27.77 -11.52
N HIS B 176 32.84 27.79 -10.43
CA HIS B 176 31.90 28.84 -10.17
C HIS B 176 32.22 29.46 -8.82
N ILE B 177 31.67 30.66 -8.59
CA ILE B 177 31.79 31.37 -7.32
C ILE B 177 31.07 30.63 -6.25
N LYS B 178 29.95 30.04 -6.66
CA LYS B 178 29.08 29.33 -5.75
C LYS B 178 29.89 28.15 -5.22
N LYS B 179 31.07 27.97 -5.82
CA LYS B 179 31.98 26.85 -5.57
C LYS B 179 31.73 25.63 -6.47
N GLY B 180 30.61 25.62 -7.19
CA GLY B 180 30.34 24.50 -8.06
C GLY B 180 31.35 24.43 -9.20
N VAL B 181 32.00 23.29 -9.38
CA VAL B 181 32.63 22.97 -10.65
C VAL B 181 31.61 22.30 -11.55
N PHE B 182 31.47 22.72 -12.80
CA PHE B 182 30.48 22.09 -13.67
C PHE B 182 30.99 21.89 -15.06
N VAL B 183 30.26 21.07 -15.82
CA VAL B 183 30.58 20.84 -17.21
C VAL B 183 29.87 21.88 -18.01
N VAL B 184 30.65 22.72 -18.69
CA VAL B 184 30.11 23.79 -19.52
C VAL B 184 29.46 23.20 -20.76
N GLY B 185 28.18 23.51 -20.95
CA GLY B 185 27.43 23.10 -22.12
C GLY B 185 26.91 21.68 -22.07
N ALA B 186 26.67 21.17 -20.87
CA ALA B 186 26.06 19.86 -20.78
C ALA B 186 24.56 20.06 -20.69
N VAL B 187 23.81 19.20 -21.37
CA VAL B 187 22.36 19.26 -21.27
C VAL B 187 21.92 19.18 -19.83
N GLU B 188 21.09 20.13 -19.38
CA GLU B 188 20.45 19.97 -18.09
C GLU B 188 18.96 19.71 -18.30
N GLN B 189 18.53 18.47 -18.06
CA GLN B 189 17.13 18.10 -18.30
C GLN B 189 16.22 18.28 -17.08
N VAL B 190 15.19 19.10 -17.22
CA VAL B 190 14.20 19.28 -16.16
C VAL B 190 13.33 18.04 -16.04
N VAL B 191 13.07 17.61 -14.81
CA VAL B 191 12.31 16.40 -14.52
C VAL B 191 11.38 16.71 -13.37
N THR B 192 10.09 16.39 -13.54
CA THR B 192 9.12 16.54 -12.46
C THR B 192 8.73 15.25 -11.72
N SER B 193 9.27 14.11 -12.11
CA SER B 193 8.89 12.84 -11.50
C SER B 193 9.99 11.81 -11.59
N ALA B 194 9.93 10.82 -10.70
CA ALA B 194 10.84 9.70 -10.78
C ALA B 194 10.85 9.13 -12.20
N ALA B 195 9.66 8.91 -12.75
CA ALA B 195 9.52 8.33 -14.08
C ALA B 195 10.24 9.15 -15.14
N GLU B 196 10.14 10.48 -15.08
CA GLU B 196 10.88 11.29 -16.04
C GLU B 196 12.37 11.16 -15.83
N ALA B 197 12.81 11.21 -14.57
CA ALA B 197 14.22 10.96 -14.25
C ALA B 197 14.64 9.63 -14.86
N TYR B 198 13.81 8.62 -14.69
CA TYR B 198 14.14 7.33 -15.23
C TYR B 198 14.50 7.29 -16.75
N GLN B 199 13.90 8.12 -17.63
CA GLN B 199 14.33 8.06 -19.06
C GLN B 199 15.56 8.81 -19.31
N VAL B 200 15.82 9.79 -18.47
CA VAL B 200 17.07 10.47 -18.62
C VAL B 200 18.09 9.37 -18.41
N LEU B 201 18.05 8.73 -17.26
CA LEU B 201 18.97 7.65 -16.96
C LEU B 201 19.00 6.62 -18.08
N SER B 202 17.85 6.08 -18.44
CA SER B 202 17.75 5.06 -19.49
C SER B 202 18.38 5.50 -20.79
N GLY B 203 18.02 6.70 -21.25
CA GLY B 203 18.58 7.21 -22.49
C GLY B 203 20.10 7.32 -22.44
N GLY B 204 20.59 7.81 -21.32
CA GLY B 204 22.01 8.03 -21.17
C GLY B 204 22.71 6.72 -21.03
N TRP B 205 22.19 5.88 -20.15
CA TRP B 205 22.85 4.63 -19.81
C TRP B 205 22.96 3.78 -21.06
N ARG B 206 22.05 4.02 -21.96
CA ARG B 206 22.14 3.37 -23.22
C ARG B 206 23.29 3.92 -24.07
N ASN B 207 23.32 5.23 -24.25
CA ASN B 207 24.41 5.85 -24.99
C ASN B 207 25.74 5.33 -24.47
N ARG B 208 25.86 5.26 -23.16
CA ARG B 208 27.08 4.72 -22.54
C ARG B 208 27.35 3.33 -23.08
N ARG B 209 26.38 2.42 -22.95
CA ARG B 209 26.56 1.05 -23.44
C ARG B 209 26.83 1.00 -24.93
N VAL B 210 26.18 1.88 -25.68
CA VAL B 210 26.31 1.88 -27.13
C VAL B 210 27.67 2.37 -27.59
N ALA B 211 28.24 3.30 -26.84
CA ALA B 211 29.53 3.85 -27.19
C ALA B 211 30.63 2.84 -26.85
N SER B 212 30.42 2.11 -25.76
CA SER B 212 31.39 1.14 -25.27
C SER B 212 31.46 -0.03 -26.22
N THR B 213 30.49 -0.10 -27.11
CA THR B 213 30.43 -1.14 -28.11
C THR B 213 31.11 -0.82 -29.44
N SER B 214 31.90 0.24 -29.56
CA SER B 214 33.01 0.16 -30.49
C SER B 214 34.29 0.52 -29.76
N MET B 215 34.46 1.83 -29.68
CA MET B 215 35.36 2.50 -28.76
C MET B 215 34.94 3.99 -28.68
N ASN B 216 35.28 4.71 -27.61
CA ASN B 216 35.18 4.24 -26.22
C ASN B 216 35.55 2.78 -26.00
N ARG B 217 36.82 2.47 -26.19
CA ARG B 217 37.28 1.09 -26.35
C ARG B 217 36.78 0.18 -25.23
N GLU B 218 36.53 0.74 -24.04
CA GLU B 218 35.93 -0.01 -22.95
C GLU B 218 35.06 0.87 -22.08
N SER B 219 34.04 0.27 -21.49
CA SER B 219 33.18 0.96 -20.52
C SER B 219 33.86 0.87 -19.15
N SER B 220 34.82 -0.04 -19.08
CA SER B 220 35.55 -0.31 -17.86
C SER B 220 36.52 0.81 -17.54
N ARG B 221 36.86 1.62 -18.54
CA ARG B 221 37.65 2.82 -18.31
C ARG B 221 36.90 4.12 -18.23
N SER B 222 35.58 4.11 -18.33
CA SER B 222 34.90 5.38 -18.35
C SER B 222 34.26 5.60 -17.00
N HIS B 223 34.26 6.85 -16.54
CA HIS B 223 33.51 7.24 -15.37
C HIS B 223 32.19 7.79 -15.83
N ALA B 224 31.13 7.54 -15.08
CA ALA B 224 29.81 8.04 -15.44
C ALA B 224 29.26 8.86 -14.31
N VAL B 225 28.81 10.07 -14.61
CA VAL B 225 28.36 10.97 -13.58
C VAL B 225 26.96 11.44 -13.88
N PHE B 226 26.05 11.06 -12.99
CA PHE B 226 24.67 11.46 -13.12
C PHE B 226 24.43 12.47 -12.03
N THR B 227 23.88 13.62 -12.40
CA THR B 227 23.77 14.70 -11.45
C THR B 227 22.38 15.23 -11.41
N ILE B 228 21.86 15.50 -10.22
CA ILE B 228 20.59 16.17 -10.11
C ILE B 228 20.79 17.42 -9.31
N THR B 229 20.30 18.52 -9.83
CA THR B 229 20.20 19.71 -9.02
C THR B 229 18.79 19.79 -8.44
N ILE B 230 18.75 20.05 -7.14
CA ILE B 230 17.51 20.07 -6.39
C ILE B 230 17.42 21.41 -5.72
N GLU B 231 16.42 22.18 -6.13
CA GLU B 231 16.30 23.57 -5.73
C GLU B 231 14.88 23.80 -5.23
N SER B 232 14.76 24.22 -3.97
CA SER B 232 13.46 24.54 -3.44
C SER B 232 13.32 26.01 -3.10
N MET B 233 12.10 26.54 -3.18
CA MET B 233 11.83 27.91 -2.78
C MET B 233 10.67 27.91 -1.80
N GLU B 234 10.90 28.47 -0.63
CA GLU B 234 9.88 28.57 0.36
C GLU B 234 9.40 30.00 0.28
N LYS B 235 8.19 30.24 -0.20
CA LYS B 235 7.97 31.63 -0.54
C LYS B 235 6.78 32.50 -0.21
N SER B 236 6.92 33.43 0.73
CA SER B 236 5.92 33.60 1.82
C SER B 236 5.84 35.11 1.85
N ASN B 237 4.70 35.63 1.43
CA ASN B 237 4.66 37.07 1.21
C ASN B 237 5.84 37.52 0.39
N GLU B 238 6.55 38.61 0.70
CA GLU B 238 7.45 39.04 -0.36
C GLU B 238 8.67 38.16 -0.38
N ILE B 239 8.96 37.59 0.78
CA ILE B 239 10.23 36.93 1.04
C ILE B 239 10.34 35.51 0.50
N VAL B 240 11.54 35.17 0.02
CA VAL B 240 11.76 33.85 -0.53
C VAL B 240 13.11 33.28 -0.10
N ASN B 241 13.06 32.13 0.55
CA ASN B 241 14.25 31.38 0.88
C ASN B 241 14.55 30.38 -0.23
N ILE B 242 15.81 30.31 -0.66
CA ILE B 242 16.19 29.36 -1.69
C ILE B 242 17.27 28.39 -1.27
N ARG B 243 16.95 27.11 -1.33
CA ARG B 243 17.90 26.07 -1.02
C ARG B 243 18.30 25.36 -2.28
N THR B 244 19.58 25.16 -2.47
CA THR B 244 19.97 24.43 -3.66
C THR B 244 20.99 23.34 -3.37
N SER B 245 20.71 22.16 -3.87
CA SER B 245 21.53 20.98 -3.61
C SER B 245 21.98 20.29 -4.88
N LEU B 246 23.27 19.99 -4.95
CA LEU B 246 23.84 19.22 -6.04
C LEU B 246 24.06 17.75 -5.64
N LEU B 247 23.38 16.81 -6.29
CA LEU B 247 23.52 15.39 -5.98
C LEU B 247 24.25 14.67 -7.09
N ASN B 248 25.44 14.18 -6.78
CA ASN B 248 26.27 13.45 -7.71
C ASN B 248 26.24 11.94 -7.48
N LEU B 249 25.87 11.19 -8.50
CA LEU B 249 25.85 9.73 -8.36
C LEU B 249 26.78 9.19 -9.41
N VAL B 250 27.87 8.59 -8.96
CA VAL B 250 28.98 8.31 -9.86
C VAL B 250 29.31 6.83 -9.96
N ASP B 251 29.47 6.32 -11.18
CA ASP B 251 29.95 4.95 -11.40
C ASP B 251 31.36 5.05 -11.96
N LEU B 252 32.36 4.72 -11.15
CA LEU B 252 33.77 4.99 -11.52
C LEU B 252 34.37 4.03 -12.51
N ALA B 253 35.45 4.46 -13.17
CA ALA B 253 36.25 3.56 -13.99
C ALA B 253 36.80 2.52 -13.04
N GLY B 254 37.09 1.33 -13.54
CA GLY B 254 37.65 0.25 -12.73
C GLY B 254 39.03 0.56 -12.17
N SER B 255 39.33 0.08 -10.98
CA SER B 255 40.47 0.55 -10.22
C SER B 255 41.68 -0.32 -10.37
N GLU B 256 41.54 -1.40 -11.14
CA GLU B 256 42.55 -2.44 -11.14
C GLU B 256 43.79 -1.97 -11.86
N ARG B 257 44.94 -2.53 -11.50
CA ARG B 257 46.19 -2.29 -12.23
C ARG B 257 46.08 -2.84 -13.66
C ASN B 273 47.31 0.76 -14.53
N ILE B 274 46.27 0.70 -13.70
CA ILE B 274 45.91 1.84 -12.82
C ILE B 274 45.59 3.20 -13.48
N ASN B 275 44.37 3.36 -14.00
CA ASN B 275 43.88 4.54 -14.73
C ASN B 275 44.27 5.82 -13.98
N ARG B 276 44.76 6.82 -14.72
CA ARG B 276 45.42 7.92 -14.02
C ARG B 276 44.50 8.83 -13.19
N SER B 277 43.28 9.08 -13.69
CA SER B 277 42.28 9.81 -12.92
C SER B 277 42.00 9.16 -11.57
N LEU B 278 42.02 7.82 -11.56
CA LEU B 278 41.92 7.09 -10.31
C LEU B 278 43.18 7.25 -9.48
N SER B 279 44.34 7.27 -10.13
CA SER B 279 45.58 7.51 -9.42
C SER B 279 45.52 8.86 -8.73
N CYS B 280 45.02 9.86 -9.45
CA CYS B 280 44.79 11.17 -8.86
C CYS B 280 43.82 11.07 -7.72
N LEU B 281 42.83 10.19 -7.86
CA LEU B 281 41.87 10.01 -6.78
C LEU B 281 42.62 9.52 -5.55
N GLY B 282 43.44 8.49 -5.74
CA GLY B 282 44.34 8.04 -4.69
C GLY B 282 45.19 9.14 -4.11
N GLN B 283 45.92 9.86 -4.95
CA GLN B 283 46.74 10.98 -4.45
C GLN B 283 45.95 12.01 -3.64
N VAL B 284 44.79 12.41 -4.14
CA VAL B 284 43.98 13.37 -3.40
C VAL B 284 43.56 12.82 -2.04
N ILE B 285 42.94 11.63 -2.02
CA ILE B 285 42.54 11.01 -0.76
C ILE B 285 43.70 11.03 0.24
N THR B 286 44.87 10.57 -0.20
CA THR B 286 46.07 10.59 0.63
C THR B 286 46.39 11.99 1.18
N ALA B 287 46.70 12.93 0.29
CA ALA B 287 47.02 14.28 0.76
C ALA B 287 46.00 14.76 1.79
N LEU B 288 44.72 14.62 1.50
CA LEU B 288 43.69 15.05 2.45
C LEU B 288 43.94 14.51 3.84
N VAL B 289 44.27 13.23 3.93
CA VAL B 289 44.46 12.56 5.21
C VAL B 289 45.61 13.20 5.98
N ASP B 290 46.74 13.40 5.31
CA ASP B 290 47.89 14.08 5.90
C ASP B 290 47.48 15.40 6.53
N VAL B 291 46.66 16.16 5.80
CA VAL B 291 46.25 17.46 6.30
C VAL B 291 45.18 17.40 7.39
N GLY B 292 44.14 16.61 7.19
CA GLY B 292 43.10 16.46 8.19
C GLY B 292 43.66 16.14 9.55
N ASN B 293 44.67 15.27 9.57
CA ASN B 293 45.41 15.00 10.77
C ASN B 293 46.83 15.51 10.60
N ARG B 297 49.80 19.73 3.38
CA ARG B 297 50.02 19.12 2.07
C ARG B 297 49.30 19.89 0.97
N HIS B 298 49.74 19.65 -0.26
CA HIS B 298 49.09 20.17 -1.46
C HIS B 298 48.21 19.08 -2.05
N VAL B 299 46.96 19.41 -2.35
CA VAL B 299 45.99 18.48 -2.95
C VAL B 299 45.74 18.90 -4.40
N CYS B 300 46.15 18.12 -5.40
CA CYS B 300 45.84 18.64 -6.74
C CYS B 300 44.51 18.08 -7.15
N TYR B 301 43.49 18.92 -7.11
CA TYR B 301 42.18 18.52 -7.54
C TYR B 301 42.15 18.59 -9.04
N ARG B 302 42.99 19.46 -9.58
CA ARG B 302 42.97 19.80 -10.99
C ARG B 302 43.87 18.88 -11.78
N ASP B 303 44.45 17.91 -11.11
CA ASP B 303 45.28 16.97 -11.84
C ASP B 303 44.45 16.03 -12.75
N SER B 304 43.14 15.96 -12.53
CA SER B 304 42.25 15.12 -13.37
C SER B 304 40.88 15.77 -13.40
N LYS B 305 40.14 15.54 -14.47
CA LYS B 305 38.80 16.11 -14.56
C LYS B 305 37.93 15.54 -13.46
N LEU B 306 38.14 14.26 -13.15
CA LEU B 306 37.40 13.61 -12.10
C LEU B 306 37.62 14.24 -10.72
N THR B 307 38.86 14.39 -10.30
CA THR B 307 39.07 14.88 -8.96
C THR B 307 38.62 16.34 -8.87
N PHE B 308 38.69 17.02 -9.99
CA PHE B 308 38.33 18.43 -10.03
C PHE B 308 36.83 18.56 -9.94
N LEU B 309 36.13 17.86 -10.81
CA LEU B 309 34.67 17.87 -10.77
C LEU B 309 34.10 17.39 -9.43
N LEU B 310 34.86 16.54 -8.76
CA LEU B 310 34.51 16.01 -7.47
C LEU B 310 35.12 16.77 -6.28
N ARG B 311 35.77 17.89 -6.55
CA ARG B 311 36.49 18.60 -5.50
C ARG B 311 35.70 18.77 -4.17
N ASP B 312 34.46 19.26 -4.22
CA ASP B 312 33.69 19.40 -2.99
C ASP B 312 33.38 18.06 -2.35
N SER B 313 33.28 17.02 -3.17
CA SER B 313 32.96 15.71 -2.63
C SER B 313 34.09 15.23 -1.77
N LEU B 314 35.30 15.67 -2.07
CA LEU B 314 36.40 15.24 -1.24
C LEU B 314 36.94 16.37 -0.38
N GLY B 315 36.61 16.35 0.90
CA GLY B 315 37.08 17.36 1.81
C GLY B 315 36.36 18.68 1.68
N GLY B 316 35.44 18.76 0.74
CA GLY B 316 34.77 20.01 0.42
C GLY B 316 33.37 20.14 0.97
N ASN B 317 32.49 20.89 0.31
CA ASN B 317 31.20 21.16 0.93
C ASN B 317 30.23 20.20 0.30
N ALA B 318 29.98 19.12 1.02
CA ALA B 318 29.10 18.05 0.55
C ALA B 318 29.13 16.88 1.51
N LYS B 319 28.10 16.07 1.45
CA LYS B 319 27.99 14.88 2.28
C LYS B 319 28.22 13.71 1.37
N THR B 320 29.33 13.01 1.60
CA THR B 320 29.80 11.99 0.69
C THR B 320 29.70 10.57 1.22
N ALA B 321 29.28 9.64 0.36
CA ALA B 321 29.29 8.21 0.70
C ALA B 321 29.93 7.44 -0.42
N ILE B 322 30.91 6.64 -0.07
CA ILE B 322 31.57 5.79 -1.01
C ILE B 322 31.16 4.35 -0.80
N ILE B 323 30.74 3.67 -1.86
CA ILE B 323 30.54 2.24 -1.82
C ILE B 323 31.74 1.54 -2.45
N ALA B 324 32.40 0.67 -1.70
CA ALA B 324 33.56 -0.03 -2.24
C ALA B 324 33.16 -1.45 -2.60
N ASN B 325 33.14 -1.74 -3.90
CA ASN B 325 32.74 -3.05 -4.38
C ASN B 325 33.92 -4.02 -4.45
N VAL B 326 33.78 -5.19 -3.84
CA VAL B 326 34.79 -6.22 -4.01
C VAL B 326 34.18 -7.56 -4.31
N HIS B 327 34.96 -8.40 -4.95
CA HIS B 327 34.56 -9.72 -5.35
C HIS B 327 35.34 -10.61 -4.41
N PRO B 328 34.66 -11.45 -3.64
CA PRO B 328 35.52 -12.28 -2.77
C PRO B 328 36.11 -13.31 -3.70
N GLY B 329 36.81 -14.27 -3.18
CA GLY B 329 37.37 -15.21 -4.13
C GLY B 329 38.82 -14.90 -4.39
N SER B 330 39.57 -15.96 -4.56
CA SER B 330 40.96 -15.95 -4.21
C SER B 330 41.79 -15.25 -5.24
N ARG B 331 41.33 -15.26 -6.49
CA ARG B 331 42.06 -14.61 -7.55
C ARG B 331 41.83 -13.11 -7.66
N CYS B 332 40.92 -12.60 -6.83
CA CYS B 332 40.72 -11.17 -6.68
C CYS B 332 41.45 -10.62 -5.47
N PHE B 333 42.21 -11.46 -4.80
CA PHE B 333 42.84 -11.02 -3.57
C PHE B 333 43.56 -9.67 -3.72
N GLY B 334 44.42 -9.55 -4.73
CA GLY B 334 45.20 -8.35 -4.91
C GLY B 334 44.37 -7.09 -5.05
N GLU B 335 43.36 -7.16 -5.90
CA GLU B 335 42.59 -5.97 -6.19
C GLU B 335 41.65 -5.67 -5.04
N THR B 336 41.22 -6.74 -4.38
CA THR B 336 40.41 -6.58 -3.18
C THR B 336 41.22 -5.87 -2.08
N LEU B 337 42.47 -6.30 -1.92
CA LEU B 337 43.31 -5.65 -0.96
C LEU B 337 43.50 -4.17 -1.30
N SER B 338 43.72 -3.85 -2.57
CA SER B 338 43.82 -2.43 -2.94
C SER B 338 42.53 -1.67 -2.62
N THR B 339 41.40 -2.20 -3.08
CA THR B 339 40.15 -1.53 -2.81
C THR B 339 39.97 -1.27 -1.32
N LEU B 340 40.16 -2.30 -0.48
CA LEU B 340 40.00 -2.10 0.95
C LEU B 340 41.00 -1.06 1.50
N ASN B 341 42.24 -1.11 1.04
CA ASN B 341 43.19 -0.09 1.47
C ASN B 341 42.70 1.30 1.11
N PHE B 342 42.22 1.46 -0.12
CA PHE B 342 41.75 2.75 -0.57
C PHE B 342 40.60 3.25 0.30
N ALA B 343 39.66 2.36 0.56
CA ALA B 343 38.46 2.70 1.27
C ALA B 343 38.77 3.08 2.72
N GLN B 344 39.66 2.32 3.33
CA GLN B 344 40.11 2.61 4.69
C GLN B 344 40.62 4.05 4.86
N ARG B 345 41.41 4.56 3.92
CA ARG B 345 41.91 5.94 4.02
C ARG B 345 40.77 6.88 3.80
N ALA B 346 39.99 6.60 2.76
CA ALA B 346 38.85 7.42 2.43
C ALA B 346 38.04 7.67 3.69
N LYS B 347 37.89 6.68 4.55
CA LYS B 347 37.06 6.86 5.73
CA LYS B 347 37.08 6.83 5.75
C LYS B 347 37.70 7.84 6.70
N LEU B 348 38.96 8.17 6.47
CA LEU B 348 39.66 9.14 7.31
C LEU B 348 39.33 10.60 6.97
N ILE B 349 38.98 10.86 5.71
CA ILE B 349 38.66 12.20 5.24
C ILE B 349 37.42 12.84 5.90
N LYS B 350 37.47 14.15 6.04
CA LYS B 350 36.40 14.90 6.68
C LYS B 350 35.87 15.96 5.74
N ASN B 351 34.56 16.08 5.59
CA ASN B 351 34.11 17.17 4.77
C ASN B 351 33.60 18.32 5.62
N LYS B 352 33.28 19.45 4.98
CA LYS B 352 32.56 20.47 5.71
C LYS B 352 31.40 20.84 4.86
N ALA B 353 30.20 20.46 5.29
CA ALA B 353 29.07 20.60 4.43
C ALA B 353 28.07 21.50 5.12
N VAL B 354 27.59 22.49 4.38
CA VAL B 354 26.71 23.50 4.93
C VAL B 354 25.46 23.48 4.10
N VAL B 355 24.36 24.02 4.64
CA VAL B 355 23.16 24.21 3.84
C VAL B 355 23.44 25.31 2.84
N ASN B 356 23.19 25.07 1.57
CA ASN B 356 23.43 26.11 0.59
C ASN B 356 22.13 26.85 0.41
N GLU B 357 22.12 28.10 0.91
CA GLU B 357 20.89 28.81 1.17
C GLU B 357 20.89 30.20 0.55
N ASP B 358 19.78 30.92 0.74
CA ASP B 358 19.63 32.25 0.17
C ASP B 358 18.29 32.82 0.54
N THR B 359 18.18 34.14 0.43
CA THR B 359 16.97 34.82 0.83
C THR B 359 16.78 35.99 -0.12
N GLN B 360 15.56 36.20 -0.59
CA GLN B 360 15.26 37.32 -1.49
C GLN B 360 13.82 37.77 -1.36
N GLY B 361 13.40 38.69 -2.22
CA GLY B 361 12.10 39.30 -2.12
C GLY B 361 12.15 40.63 -1.37
N GLY C 10 -40.83 20.86 10.38
CA GLY C 10 -39.67 20.18 9.82
C GLY C 10 -38.98 20.99 8.73
N ASP C 11 -38.21 20.32 7.89
CA ASP C 11 -37.50 20.98 6.79
C ASP C 11 -38.06 20.50 5.46
N ALA C 12 -38.45 21.43 4.59
CA ALA C 12 -39.08 21.08 3.31
C ALA C 12 -38.08 20.37 2.45
N ILE C 13 -38.53 19.41 1.65
CA ILE C 13 -37.56 18.70 0.86
C ILE C 13 -37.10 19.64 -0.26
N LYS C 14 -36.11 19.20 -1.03
CA LYS C 14 -35.56 20.06 -2.05
C LYS C 14 -35.83 19.57 -3.45
N VAL C 15 -36.44 20.43 -4.25
CA VAL C 15 -36.86 20.03 -5.58
C VAL C 15 -36.07 20.78 -6.63
N PHE C 16 -35.56 20.05 -7.59
CA PHE C 16 -34.79 20.62 -8.66
C PHE C 16 -35.42 20.19 -9.96
N VAL C 17 -35.33 21.02 -10.98
CA VAL C 17 -35.83 20.64 -12.29
C VAL C 17 -34.70 20.70 -13.27
N ARG C 18 -34.52 19.64 -14.03
CA ARG C 18 -33.48 19.60 -15.03
C ARG C 18 -34.13 19.42 -16.38
N ILE C 19 -33.88 20.34 -17.30
CA ILE C 19 -34.37 20.20 -18.66
C ILE C 19 -33.30 19.59 -19.53
N ARG C 20 -33.58 18.43 -20.09
CA ARG C 20 -32.61 17.79 -20.99
C ARG C 20 -32.73 18.48 -22.34
N PRO C 21 -31.64 18.49 -23.11
CA PRO C 21 -31.69 19.01 -24.47
C PRO C 21 -32.39 18.03 -25.40
N PRO C 22 -33.19 18.55 -26.32
CA PRO C 22 -33.85 17.73 -27.34
C PRO C 22 -32.81 17.03 -28.19
N ALA C 23 -33.21 15.97 -28.89
CA ALA C 23 -32.33 15.39 -29.88
C ALA C 23 -32.00 16.47 -30.91
N GLU C 24 -30.80 16.39 -31.48
CA GLU C 24 -30.37 17.37 -32.50
C GLU C 24 -31.14 17.22 -33.81
N ARG C 25 -31.35 18.35 -34.48
CA ARG C 25 -32.04 18.39 -35.78
C ARG C 25 -33.50 17.92 -35.77
N SER C 26 -34.40 18.67 -35.12
CA SER C 26 -35.86 18.43 -35.26
C SER C 26 -36.56 19.36 -36.24
N ASN C 34 -39.72 25.84 -31.28
CA ASN C 34 -41.01 25.68 -30.62
C ASN C 34 -40.90 24.84 -29.33
N LEU C 35 -40.40 25.43 -28.26
CA LEU C 35 -40.04 24.65 -27.10
C LEU C 35 -41.05 24.29 -26.01
N CYS C 36 -42.02 25.16 -25.72
CA CYS C 36 -43.04 24.84 -24.68
C CYS C 36 -42.60 25.15 -23.26
N LEU C 37 -41.33 25.49 -23.08
CA LEU C 37 -40.76 25.71 -21.79
C LEU C 37 -39.71 26.80 -21.93
N SER C 38 -39.65 27.75 -20.99
CA SER C 38 -38.53 28.72 -20.96
C SER C 38 -38.04 29.02 -19.56
N VAL C 39 -36.74 28.89 -19.34
CA VAL C 39 -36.15 29.12 -18.03
C VAL C 39 -36.03 30.63 -17.80
N LEU C 40 -36.67 31.13 -16.77
CA LEU C 40 -36.64 32.55 -16.47
C LEU C 40 -35.43 32.98 -15.67
N SER C 41 -34.81 32.04 -14.96
CA SER C 41 -33.77 32.33 -13.96
C SER C 41 -33.36 31.03 -13.32
N SER C 42 -32.38 31.06 -12.43
CA SER C 42 -31.92 29.82 -11.82
C SER C 42 -32.98 29.17 -10.90
N THR C 43 -33.91 29.96 -10.35
CA THR C 43 -35.05 29.39 -9.59
C THR C 43 -36.39 29.29 -10.32
N SER C 44 -36.44 29.67 -11.59
CA SER C 44 -37.76 29.94 -12.14
C SER C 44 -37.91 29.50 -13.57
N LEU C 45 -39.07 28.95 -13.90
CA LEU C 45 -39.36 28.66 -15.30
C LEU C 45 -40.81 28.90 -15.70
N ARG C 46 -40.99 29.21 -16.96
CA ARG C 46 -42.29 29.46 -17.51
C ARG C 46 -42.69 28.31 -18.46
N LEU C 47 -43.89 27.78 -18.22
CA LEU C 47 -44.50 26.76 -19.09
C LEU C 47 -45.49 27.37 -20.09
N HIS C 48 -45.29 27.19 -21.38
CA HIS C 48 -46.13 28.03 -22.23
C HIS C 48 -47.42 27.30 -22.59
N SER C 49 -48.41 27.55 -21.78
CA SER C 49 -49.67 26.86 -21.92
C SER C 49 -50.56 27.97 -22.41
N ASN C 50 -51.61 27.61 -23.14
CA ASN C 50 -52.44 28.64 -23.68
C ASN C 50 -53.86 28.36 -23.27
N PRO C 51 -54.64 29.41 -23.02
CA PRO C 51 -54.35 30.84 -23.16
C PRO C 51 -53.39 31.45 -22.13
N GLU C 52 -53.34 30.92 -20.91
CA GLU C 52 -52.51 31.51 -19.88
C GLU C 52 -51.32 30.64 -19.51
N PRO C 53 -50.12 31.22 -19.60
CA PRO C 53 -48.88 30.54 -19.19
C PRO C 53 -48.81 30.37 -17.70
N LYS C 54 -48.00 29.42 -17.27
CA LYS C 54 -47.83 29.15 -15.86
C LYS C 54 -46.35 29.28 -15.55
N THR C 55 -46.04 29.71 -14.34
CA THR C 55 -44.64 29.71 -13.95
C THR C 55 -44.44 28.94 -12.67
N PHE C 56 -43.30 28.30 -12.56
CA PHE C 56 -42.98 27.50 -11.39
C PHE C 56 -41.68 28.00 -10.76
N THR C 57 -41.60 27.84 -9.44
CA THR C 57 -40.42 28.18 -8.66
C THR C 57 -39.89 26.92 -7.98
N PHE C 58 -38.60 26.67 -8.11
CA PHE C 58 -37.97 25.52 -7.47
C PHE C 58 -36.65 25.92 -6.85
N ASP C 59 -36.07 25.03 -6.05
CA ASP C 59 -34.79 25.32 -5.46
C ASP C 59 -33.75 25.60 -6.53
N HIS C 60 -33.80 24.89 -7.65
CA HIS C 60 -32.99 25.27 -8.80
C HIS C 60 -33.59 24.79 -10.10
N VAL C 61 -33.39 25.55 -11.16
CA VAL C 61 -33.80 25.11 -12.49
C VAL C 61 -32.58 25.07 -13.40
N ALA C 62 -32.28 23.92 -13.97
CA ALA C 62 -31.10 23.75 -14.82
C ALA C 62 -31.48 23.57 -16.28
N ASP C 63 -30.94 24.43 -17.13
CA ASP C 63 -31.31 24.38 -18.53
C ASP C 63 -30.54 23.29 -19.29
N VAL C 64 -30.79 23.23 -20.59
CA VAL C 64 -30.35 22.14 -21.43
C VAL C 64 -28.84 22.00 -21.51
N ASP C 65 -28.13 23.05 -21.13
CA ASP C 65 -26.67 23.02 -21.18
C ASP C 65 -26.00 22.60 -19.89
N THR C 66 -26.76 22.48 -18.81
CA THR C 66 -26.19 22.12 -17.53
C THR C 66 -25.38 20.82 -17.58
N THR C 67 -24.16 20.84 -17.05
CA THR C 67 -23.28 19.66 -17.00
C THR C 67 -23.56 18.71 -15.85
N GLN C 68 -23.12 17.47 -16.04
CA GLN C 68 -23.25 16.45 -15.01
C GLN C 68 -22.71 17.01 -13.68
N GLU C 69 -21.50 17.58 -13.74
CA GLU C 69 -20.83 18.08 -12.55
C GLU C 69 -21.62 19.20 -11.85
N SER C 70 -22.16 20.10 -12.66
CA SER C 70 -23.06 21.11 -12.15
C SER C 70 -24.18 20.49 -11.32
N VAL C 71 -24.80 19.45 -11.87
CA VAL C 71 -25.94 18.82 -11.22
C VAL C 71 -25.52 18.32 -9.85
N PHE C 72 -24.42 17.58 -9.83
CA PHE C 72 -23.94 17.03 -8.58
C PHE C 72 -23.82 18.13 -7.53
N ALA C 73 -23.08 19.18 -7.88
CA ALA C 73 -22.87 20.31 -6.98
C ALA C 73 -24.15 20.93 -6.47
N THR C 74 -25.10 21.18 -7.36
CA THR C 74 -26.37 21.76 -6.96
C THR C 74 -27.23 20.84 -6.04
N VAL C 75 -27.24 19.55 -6.35
CA VAL C 75 -28.21 18.62 -5.77
C VAL C 75 -27.65 17.71 -4.69
N ALA C 76 -26.67 16.89 -5.08
CA ALA C 76 -26.09 15.84 -4.21
C ALA C 76 -25.03 16.24 -3.16
N LYS C 77 -24.18 17.22 -3.47
CA LYS C 77 -23.09 17.56 -2.58
C LYS C 77 -23.60 17.72 -1.16
N SER C 78 -24.65 18.52 -1.01
CA SER C 78 -25.26 18.77 0.29
C SER C 78 -25.67 17.45 0.97
N ILE C 79 -26.44 16.63 0.26
CA ILE C 79 -26.96 15.37 0.79
C ILE C 79 -25.86 14.48 1.34
N VAL C 80 -24.77 14.37 0.58
CA VAL C 80 -23.65 13.56 1.03
C VAL C 80 -23.12 14.11 2.35
N GLU C 81 -22.83 15.39 2.36
CA GLU C 81 -22.35 16.00 3.60
C GLU C 81 -23.28 15.68 4.75
N SER C 82 -24.57 15.92 4.61
CA SER C 82 -25.40 15.68 5.77
C SER C 82 -25.43 14.17 6.06
N CYS C 83 -25.13 13.37 5.05
CA CYS C 83 -24.96 11.95 5.33
C CYS C 83 -23.81 11.70 6.30
N MET C 84 -22.64 12.28 6.00
CA MET C 84 -21.47 12.15 6.87
C MET C 84 -21.77 12.56 8.31
N SER C 85 -22.69 13.50 8.49
CA SER C 85 -22.95 14.01 9.81
C SER C 85 -24.02 13.19 10.48
N GLY C 86 -24.43 12.11 9.84
CA GLY C 86 -25.31 11.12 10.48
C GLY C 86 -26.79 11.08 10.13
N TYR C 87 -27.22 11.98 9.26
CA TYR C 87 -28.59 12.04 8.77
C TYR C 87 -28.79 11.04 7.64
N ASN C 88 -29.97 10.45 7.57
CA ASN C 88 -30.35 9.67 6.40
C ASN C 88 -30.50 10.63 5.26
N GLY C 89 -30.30 10.17 4.03
CA GLY C 89 -30.53 11.04 2.89
C GLY C 89 -30.90 10.33 1.62
N THR C 90 -31.66 11.02 0.77
CA THR C 90 -32.24 10.38 -0.40
C THR C 90 -32.31 11.33 -1.59
N ILE C 91 -31.92 10.84 -2.74
CA ILE C 91 -32.03 11.60 -3.96
C ILE C 91 -32.74 10.72 -4.95
N PHE C 92 -33.87 11.18 -5.46
CA PHE C 92 -34.45 10.40 -6.53
C PHE C 92 -34.88 11.21 -7.73
N ALA C 93 -34.81 10.56 -8.90
CA ALA C 93 -35.05 11.21 -10.17
C ALA C 93 -36.43 10.80 -10.67
N TYR C 94 -37.24 11.79 -11.01
CA TYR C 94 -38.62 11.52 -11.37
C TYR C 94 -38.86 12.15 -12.72
N GLY C 95 -39.63 11.48 -13.57
CA GLY C 95 -40.03 12.06 -14.82
C GLY C 95 -40.40 11.03 -15.85
N GLN C 96 -40.91 11.52 -16.97
CA GLN C 96 -41.44 10.63 -17.97
C GLN C 96 -40.27 9.85 -18.56
N THR C 97 -40.59 8.68 -19.10
CA THR C 97 -39.59 7.90 -19.82
C THR C 97 -38.94 8.76 -20.91
N GLY C 98 -37.62 8.68 -21.01
CA GLY C 98 -36.90 9.46 -21.98
C GLY C 98 -36.62 10.88 -21.53
N SER C 99 -36.95 11.22 -20.28
CA SER C 99 -36.71 12.59 -19.83
C SER C 99 -35.28 12.79 -19.32
N GLY C 100 -34.55 11.69 -19.14
CA GLY C 100 -33.20 11.76 -18.62
C GLY C 100 -32.90 11.33 -17.20
N LYS C 101 -33.82 10.62 -16.59
CA LYS C 101 -33.56 10.08 -15.28
C LYS C 101 -32.25 9.31 -15.21
N THR C 102 -32.06 8.38 -16.12
CA THR C 102 -30.90 7.47 -16.03
C THR C 102 -29.62 8.23 -16.32
N PHE C 103 -29.65 9.03 -17.38
CA PHE C 103 -28.52 9.88 -17.72
C PHE C 103 -28.12 10.68 -16.47
N THR C 104 -29.12 11.17 -15.76
CA THR C 104 -28.86 11.96 -14.57
C THR C 104 -28.23 11.18 -13.40
N MET C 105 -28.81 10.05 -13.01
CA MET C 105 -28.28 9.39 -11.79
C MET C 105 -27.08 8.49 -12.05
N MET C 106 -26.91 8.14 -13.31
CA MET C 106 -26.02 7.08 -13.75
C MET C 106 -25.04 7.60 -14.78
N GLY C 107 -25.60 8.14 -15.85
CA GLY C 107 -24.90 8.56 -17.05
C GLY C 107 -25.18 7.76 -18.30
N PRO C 108 -24.49 8.09 -19.41
CA PRO C 108 -24.74 7.31 -20.61
C PRO C 108 -24.25 5.89 -20.46
N SER C 109 -24.84 5.00 -21.26
CA SER C 109 -24.51 3.57 -21.24
C SER C 109 -23.10 3.34 -21.77
N SER C 115 -18.12 9.16 -22.56
CA SER C 115 -17.00 9.68 -21.79
C SER C 115 -17.24 9.63 -20.29
N HIS C 116 -16.16 9.93 -19.57
CA HIS C 116 -16.05 9.91 -18.11
C HIS C 116 -16.63 11.16 -17.43
N ASN C 117 -16.54 12.30 -18.12
CA ASN C 117 -17.15 13.53 -17.63
C ASN C 117 -18.67 13.48 -17.74
N LEU C 118 -19.20 12.40 -18.33
CA LEU C 118 -20.66 12.21 -18.44
C LEU C 118 -21.30 11.38 -17.33
N ARG C 119 -20.48 10.84 -16.43
CA ARG C 119 -21.03 10.07 -15.35
C ARG C 119 -22.00 10.93 -14.53
N GLY C 120 -22.99 10.25 -13.97
CA GLY C 120 -24.07 10.92 -13.29
C GLY C 120 -23.92 11.00 -11.79
N VAL C 121 -25.01 11.38 -11.14
CA VAL C 121 -25.00 11.72 -9.73
C VAL C 121 -24.39 10.62 -8.87
N ILE C 122 -24.81 9.38 -9.08
CA ILE C 122 -24.42 8.30 -8.19
C ILE C 122 -22.93 8.05 -8.15
N PRO C 123 -22.30 7.91 -9.33
CA PRO C 123 -20.83 7.76 -9.34
C PRO C 123 -20.14 8.93 -8.64
N ARG C 124 -20.56 10.15 -8.95
CA ARG C 124 -19.94 11.32 -8.35
C ARG C 124 -20.13 11.34 -6.83
N SER C 125 -21.25 10.76 -6.39
CA SER C 125 -21.52 10.66 -4.97
C SER C 125 -20.49 9.77 -4.30
N PHE C 126 -20.19 8.63 -4.94
CA PHE C 126 -19.17 7.72 -4.39
C PHE C 126 -17.89 8.49 -4.23
N GLU C 127 -17.54 9.18 -5.30
CA GLU C 127 -16.26 9.88 -5.32
C GLU C 127 -16.20 10.81 -4.14
N TYR C 128 -17.25 11.59 -3.99
CA TYR C 128 -17.26 12.65 -2.98
C TYR C 128 -17.25 12.09 -1.57
N LEU C 129 -18.12 11.11 -1.33
CA LEU C 129 -18.25 10.44 -0.04
C LEU C 129 -16.91 9.92 0.46
N PHE C 130 -16.26 9.11 -0.36
CA PHE C 130 -15.00 8.51 0.05
C PHE C 130 -13.86 9.51 0.26
N SER C 131 -13.84 10.59 -0.48
CA SER C 131 -12.79 11.57 -0.19
C SER C 131 -13.04 12.27 1.15
N LEU C 132 -14.31 12.54 1.46
CA LEU C 132 -14.66 13.13 2.75
C LEU C 132 -14.21 12.21 3.86
N ILE C 133 -14.51 10.94 3.68
CA ILE C 133 -14.10 9.93 4.61
C ILE C 133 -12.58 9.98 4.75
N ASP C 134 -11.88 9.88 3.63
CA ASP C 134 -10.43 9.83 3.63
C ASP C 134 -9.95 10.97 4.46
N ARG C 135 -10.64 12.08 4.36
CA ARG C 135 -10.17 13.21 5.09
C ARG C 135 -10.49 13.16 6.53
N GLU C 136 -11.61 12.56 6.84
CA GLU C 136 -12.02 12.51 8.21
C GLU C 136 -10.90 11.80 8.98
N LYS C 137 -9.96 11.20 8.25
CA LYS C 137 -8.75 10.68 8.86
C LYS C 137 -7.69 11.78 9.04
N GLU C 138 -7.40 12.05 10.31
CA GLU C 138 -6.72 13.27 10.74
C GLU C 138 -7.42 13.69 12.01
N LYS C 144 -11.69 7.86 14.83
CA LYS C 144 -12.89 7.59 14.05
C LYS C 144 -12.62 6.58 12.94
N SER C 145 -13.60 5.71 12.68
CA SER C 145 -13.46 4.73 11.59
C SER C 145 -14.80 4.62 10.86
N PHE C 146 -14.78 4.04 9.67
CA PHE C 146 -15.97 4.07 8.82
C PHE C 146 -16.23 2.73 8.22
N LEU C 147 -17.51 2.43 8.05
CA LEU C 147 -17.91 1.20 7.41
C LEU C 147 -19.06 1.43 6.44
N CYS C 148 -18.85 1.06 5.18
CA CYS C 148 -19.88 1.29 4.19
C CYS C 148 -20.24 0.00 3.46
N LYS C 149 -21.54 -0.25 3.34
CA LYS C 149 -22.05 -1.38 2.59
C LYS C 149 -23.02 -0.87 1.53
N CYS C 150 -23.07 -1.53 0.38
CA CYS C 150 -24.00 -1.17 -0.67
C CYS C 150 -25.07 -2.25 -0.87
N SER C 151 -26.27 -1.82 -1.21
CA SER C 151 -27.23 -2.71 -1.84
C SER C 151 -27.73 -2.07 -3.13
N PHE C 152 -28.09 -2.90 -4.08
CA PHE C 152 -28.68 -2.39 -5.29
C PHE C 152 -29.83 -3.32 -5.63
N ILE C 153 -31.06 -2.82 -5.64
CA ILE C 153 -32.21 -3.67 -5.97
C ILE C 153 -33.06 -3.00 -6.99
N GLU C 154 -33.96 -3.77 -7.58
CA GLU C 154 -34.87 -3.25 -8.60
C GLU C 154 -36.31 -3.67 -8.26
N ILE C 155 -37.25 -2.75 -8.41
CA ILE C 155 -38.64 -3.12 -8.21
C ILE C 155 -39.36 -3.06 -9.53
N TYR C 156 -39.86 -4.20 -9.96
CA TYR C 156 -40.56 -4.28 -11.24
C TYR C 156 -41.88 -4.98 -11.06
N ASN C 157 -42.96 -4.27 -11.33
CA ASN C 157 -44.29 -4.81 -11.13
C ASN C 157 -44.54 -5.21 -9.69
N GLU C 158 -44.32 -4.29 -8.77
CA GLU C 158 -44.60 -4.55 -7.37
C GLU C 158 -43.80 -5.78 -6.89
N GLN C 159 -42.63 -5.99 -7.49
CA GLN C 159 -41.82 -7.17 -7.27
C GLN C 159 -40.32 -6.86 -7.22
N ILE C 160 -39.62 -7.53 -6.32
CA ILE C 160 -38.23 -7.18 -6.02
C ILE C 160 -37.19 -8.13 -6.63
N TYR C 161 -36.11 -7.57 -7.16
CA TYR C 161 -34.99 -8.32 -7.72
C TYR C 161 -33.65 -7.74 -7.24
N ASP C 162 -32.73 -8.62 -6.86
CA ASP C 162 -31.43 -8.20 -6.35
C ASP C 162 -30.46 -8.10 -7.51
N LEU C 163 -29.96 -6.89 -7.74
CA LEU C 163 -29.07 -6.58 -8.86
C LEU C 163 -27.65 -7.08 -8.61
N LEU C 164 -27.32 -7.33 -7.35
CA LEU C 164 -26.04 -7.87 -6.97
C LEU C 164 -26.00 -9.38 -6.98
N ASP C 165 -27.18 -10.00 -7.04
CA ASP C 165 -27.31 -11.43 -7.30
C ASP C 165 -28.49 -11.76 -8.21
N SER C 166 -28.24 -12.28 -9.40
CA SER C 166 -29.30 -12.40 -10.37
C SER C 166 -30.05 -13.68 -10.14
N ALA C 167 -29.49 -14.52 -9.27
CA ALA C 167 -30.11 -15.78 -8.91
C ALA C 167 -31.04 -15.62 -7.72
N SER C 168 -30.98 -14.48 -7.04
CA SER C 168 -31.79 -14.26 -5.85
C SER C 168 -33.26 -14.31 -6.21
N ALA C 169 -34.05 -14.79 -5.26
CA ALA C 169 -35.50 -14.84 -5.42
C ALA C 169 -36.13 -14.75 -4.03
N GLY C 170 -37.40 -14.34 -3.99
CA GLY C 170 -38.10 -14.21 -2.73
C GLY C 170 -37.59 -13.08 -1.89
N LEU C 171 -37.46 -11.91 -2.50
CA LEU C 171 -37.06 -10.72 -1.76
C LEU C 171 -38.34 -10.03 -1.33
N TYR C 172 -38.34 -9.47 -0.12
CA TYR C 172 -39.55 -8.82 0.39
C TYR C 172 -39.17 -7.78 1.44
N LEU C 173 -40.12 -6.89 1.72
CA LEU C 173 -39.85 -5.71 2.54
C LEU C 173 -40.16 -5.98 3.99
N ARG C 174 -39.38 -5.38 4.87
CA ARG C 174 -39.66 -5.53 6.27
C ARG C 174 -39.25 -4.33 7.11
N GLU C 175 -40.08 -3.99 8.08
CA GLU C 175 -39.83 -2.86 8.93
C GLU C 175 -38.84 -3.20 10.03
N HIS C 176 -38.15 -2.19 10.53
CA HIS C 176 -37.28 -2.37 11.67
C HIS C 176 -37.69 -1.38 12.75
N ILE C 177 -37.22 -1.62 13.99
CA ILE C 177 -37.43 -0.73 15.14
C ILE C 177 -36.68 0.56 14.92
N LYS C 178 -35.52 0.42 14.29
CA LYS C 178 -34.66 1.54 14.04
C LYS C 178 -35.43 2.49 13.12
N LYS C 179 -36.59 2.01 12.65
CA LYS C 179 -37.44 2.65 11.66
C LYS C 179 -37.07 2.31 10.21
N GLY C 180 -35.94 1.66 10.00
CA GLY C 180 -35.55 1.30 8.64
C GLY C 180 -36.49 0.28 8.04
N VAL C 181 -37.02 0.57 6.85
CA VAL C 181 -37.62 -0.47 6.03
C VAL C 181 -36.53 -1.02 5.13
N PHE C 182 -36.40 -2.33 5.02
CA PHE C 182 -35.34 -2.88 4.19
C PHE C 182 -35.77 -4.11 3.44
N VAL C 183 -34.96 -4.48 2.45
CA VAL C 183 -35.22 -5.67 1.65
C VAL C 183 -34.56 -6.83 2.35
N VAL C 184 -35.37 -7.79 2.78
CA VAL C 184 -34.84 -8.95 3.49
C VAL C 184 -34.09 -9.85 2.52
N GLY C 185 -32.81 -10.12 2.81
CA GLY C 185 -32.02 -11.02 2.01
C GLY C 185 -31.41 -10.42 0.75
N ALA C 186 -31.17 -9.11 0.78
CA ALA C 186 -30.51 -8.47 -0.34
C ALA C 186 -29.04 -8.41 -0.02
N VAL C 187 -28.20 -8.73 -1.00
CA VAL C 187 -26.76 -8.67 -0.81
C VAL C 187 -26.39 -7.31 -0.25
N GLU C 188 -25.59 -7.27 0.81
CA GLU C 188 -25.01 -5.99 1.20
C GLU C 188 -23.51 -6.03 1.01
N GLN C 189 -23.02 -5.33 0.01
CA GLN C 189 -21.61 -5.41 -0.34
C GLN C 189 -20.78 -4.34 0.36
N VAL C 190 -19.80 -4.77 1.15
CA VAL C 190 -18.84 -3.85 1.77
C VAL C 190 -17.91 -3.23 0.72
N VAL C 191 -17.68 -1.92 0.83
CA VAL C 191 -16.83 -1.20 -0.11
C VAL C 191 -15.96 -0.27 0.70
N THR C 192 -14.66 -0.29 0.41
CA THR C 192 -13.73 0.66 1.00
C THR C 192 -13.27 1.85 0.14
N SER C 193 -13.74 1.94 -1.09
CA SER C 193 -13.31 3.02 -1.96
C SER C 193 -14.36 3.33 -3.03
N ALA C 194 -14.31 4.54 -3.57
CA ALA C 194 -15.14 4.91 -4.72
C ALA C 194 -15.06 3.81 -5.79
N ALA C 195 -13.83 3.41 -6.10
CA ALA C 195 -13.62 2.45 -7.17
C ALA C 195 -14.32 1.13 -6.87
N GLU C 196 -14.32 0.67 -5.62
CA GLU C 196 -15.07 -0.56 -5.32
C GLU C 196 -16.57 -0.34 -5.47
N ALA C 197 -17.06 0.77 -4.93
CA ALA C 197 -18.45 1.19 -5.12
C ALA C 197 -18.76 1.11 -6.61
N TYR C 198 -17.86 1.64 -7.41
CA TYR C 198 -18.12 1.68 -8.83
C TYR C 198 -18.40 0.32 -9.51
N GLN C 199 -17.80 -0.80 -9.09
CA GLN C 199 -18.22 -2.07 -9.76
C GLN C 199 -19.49 -2.61 -9.22
N VAL C 200 -19.80 -2.26 -7.98
CA VAL C 200 -21.08 -2.68 -7.48
C VAL C 200 -22.04 -2.07 -8.49
N LEU C 201 -21.98 -0.76 -8.63
CA LEU C 201 -22.87 -0.05 -9.55
C LEU C 201 -22.82 -0.66 -10.94
N SER C 202 -21.62 -0.77 -11.49
CA SER C 202 -21.43 -1.36 -12.82
C SER C 202 -22.04 -2.74 -12.96
N GLY C 203 -21.77 -3.63 -12.01
CA GLY C 203 -22.27 -4.99 -12.06
C GLY C 203 -23.78 -5.02 -12.05
N GLY C 204 -24.34 -4.15 -11.22
CA GLY C 204 -25.78 -4.12 -11.06
C GLY C 204 -26.42 -3.49 -12.27
N TRP C 205 -25.90 -2.34 -12.65
CA TRP C 205 -26.50 -1.53 -13.71
C TRP C 205 -26.50 -2.35 -14.97
N ARG C 206 -25.48 -3.32 -15.13
CA ARG C 206 -25.66 -4.48 -15.97
C ARG C 206 -26.74 -5.44 -15.46
N ASN C 207 -26.80 -5.90 -14.93
CA ASN C 207 -27.90 -6.82 -14.72
C ASN C 207 -29.22 -6.15 -15.07
N ARG C 208 -29.39 -4.92 -14.63
CA ARG C 208 -30.59 -4.16 -14.95
C ARG C 208 -30.77 -4.10 -16.47
N ARG C 209 -29.77 -3.60 -17.19
CA ARG C 209 -29.84 -3.52 -18.65
C ARG C 209 -30.05 -4.89 -19.30
N VAL C 210 -29.39 -5.91 -18.75
CA VAL C 210 -29.48 -7.24 -19.32
C VAL C 210 -30.85 -7.88 -19.16
N ALA C 211 -31.50 -7.56 -18.05
CA ALA C 211 -32.84 -8.10 -17.77
C ALA C 211 -33.89 -7.40 -18.63
N SER C 212 -33.68 -6.11 -18.87
CA SER C 212 -34.60 -5.29 -19.64
C SER C 212 -34.58 -5.72 -21.09
N THR C 213 -33.58 -6.52 -21.42
CA THR C 213 -33.38 -7.03 -22.77
C THR C 213 -34.05 -8.37 -23.05
N SER C 214 -34.94 -8.81 -22.19
CA SER C 214 -35.99 -9.75 -22.63
C SER C 214 -37.36 -9.23 -22.15
N ASN C 216 -38.61 -8.88 -17.56
CA ASN C 216 -38.53 -7.44 -17.38
C ASN C 216 -38.80 -6.68 -18.68
N ARG C 217 -40.04 -6.77 -19.14
CA ARG C 217 -40.42 -6.36 -20.49
C ARG C 217 -39.92 -4.96 -20.85
N GLU C 218 -39.76 -4.11 -19.85
CA GLU C 218 -39.16 -2.79 -20.05
C GLU C 218 -38.36 -2.33 -18.82
N SER C 219 -37.33 -1.53 -19.06
CA SER C 219 -36.56 -0.90 -18.00
C SER C 219 -37.26 0.40 -17.63
N SER C 220 -38.17 0.80 -18.51
CA SER C 220 -38.94 2.02 -18.34
C SER C 220 -40.01 1.85 -17.27
N ARG C 221 -40.32 0.60 -16.93
CA ARG C 221 -41.18 0.33 -15.79
C ARG C 221 -40.54 -0.08 -14.49
N SER C 222 -39.22 -0.19 -14.47
CA SER C 222 -38.62 -0.69 -13.26
C SER C 222 -38.05 0.49 -12.49
N HIS C 223 -38.11 0.40 -11.16
CA HIS C 223 -37.43 1.35 -10.30
C HIS C 223 -36.13 0.72 -9.86
N ALA C 224 -35.07 1.51 -9.76
CA ALA C 224 -33.77 1.01 -9.33
C ALA C 224 -33.32 1.75 -8.09
N VAL C 225 -32.92 1.01 -7.06
CA VAL C 225 -32.57 1.60 -5.79
C VAL C 225 -31.19 1.17 -5.37
N PHE C 226 -30.29 2.15 -5.36
CA PHE C 226 -28.94 1.89 -4.94
C PHE C 226 -28.80 2.49 -3.56
N THR C 227 -28.33 1.69 -2.62
CA THR C 227 -28.30 2.14 -1.24
C THR C 227 -26.90 2.00 -0.65
N ILE C 228 -26.48 2.98 0.11
CA ILE C 228 -25.23 2.85 0.83
C ILE C 228 -25.54 3.12 2.28
N THR C 229 -25.10 2.21 3.13
CA THR C 229 -25.12 2.48 4.54
C THR C 229 -23.75 3.00 4.95
N ILE C 230 -23.77 4.07 5.72
CA ILE C 230 -22.56 4.75 6.09
C ILE C 230 -22.57 4.86 7.60
N GLU C 231 -21.60 4.19 8.21
CA GLU C 231 -21.59 4.01 9.64
C GLU C 231 -20.21 4.38 10.14
N SER C 232 -20.16 5.34 11.05
CA SER C 232 -18.86 5.75 11.60
C SER C 232 -18.84 5.51 13.10
N MET C 233 -17.64 5.27 13.63
CA MET C 233 -17.45 5.09 15.06
C MET C 233 -16.35 6.00 15.53
N ILE C 239 -17.16 6.06 25.42
CA ILE C 239 -15.96 6.27 24.64
C ILE C 239 -16.13 5.74 23.22
N VAL C 240 -17.37 5.56 22.80
CA VAL C 240 -17.65 5.04 21.47
C VAL C 240 -19.02 5.49 20.96
N ASN C 241 -19.02 6.53 20.13
CA ASN C 241 -20.25 7.03 19.54
C ASN C 241 -20.44 6.49 18.13
N ILE C 242 -21.66 6.02 17.83
CA ILE C 242 -21.94 5.44 16.52
C ILE C 242 -22.99 6.19 15.71
N ARG C 243 -22.57 6.67 14.56
CA ARG C 243 -23.48 7.33 13.64
C ARG C 243 -23.77 6.44 12.48
N THR C 244 -25.05 6.32 12.14
CA THR C 244 -25.38 5.53 10.99
C THR C 244 -26.35 6.22 10.05
N SER C 245 -25.99 6.21 8.76
CA SER C 245 -26.73 6.91 7.73
C SER C 245 -27.09 6.00 6.56
N LEU C 246 -28.36 6.04 6.17
CA LEU C 246 -28.83 5.32 5.00
C LEU C 246 -28.97 6.28 3.82
N LEU C 247 -28.21 6.04 2.74
CA LEU C 247 -28.29 6.89 1.56
C LEU C 247 -28.95 6.16 0.39
N ASN C 248 -30.14 6.62 0.01
CA ASN C 248 -30.88 6.04 -1.10
C ASN C 248 -30.78 6.86 -2.37
N LEU C 249 -30.33 6.23 -3.44
CA LEU C 249 -30.20 6.92 -4.72
C LEU C 249 -31.05 6.19 -5.71
N VAL C 250 -32.12 6.82 -6.18
CA VAL C 250 -33.18 6.06 -6.84
C VAL C 250 -33.42 6.54 -8.26
N ASP C 251 -33.55 5.60 -9.20
CA ASP C 251 -33.90 5.94 -10.59
C ASP C 251 -35.30 5.37 -10.80
N LEU C 252 -36.31 6.22 -10.82
CA LEU C 252 -37.71 5.75 -10.84
C LEU C 252 -38.21 5.23 -12.18
N ALA C 253 -39.30 4.46 -12.11
CA ALA C 253 -40.02 4.07 -13.31
C ALA C 253 -40.50 5.35 -13.93
N GLY C 254 -40.69 5.35 -15.23
CA GLY C 254 -41.24 6.52 -15.92
C GLY C 254 -42.67 6.87 -15.53
N SER C 255 -42.97 8.16 -15.49
CA SER C 255 -44.19 8.68 -14.88
C SER C 255 -45.32 8.90 -15.84
N GLU C 256 -45.09 8.62 -17.12
CA GLU C 256 -46.08 8.96 -18.13
C GLU C 256 -47.33 8.08 -18.04
N ARG C 257 -48.45 8.64 -18.47
CA ARG C 257 -49.68 7.89 -18.58
C ARG C 257 -49.52 6.77 -19.62
N GLN C 258 -50.04 5.58 -19.29
CA GLN C 258 -50.25 4.53 -20.29
C GLN C 258 -51.71 4.57 -20.78
N ILE C 274 -49.98 5.27 -16.46
CA ILE C 274 -49.54 5.70 -15.13
C ILE C 274 -49.33 4.53 -14.14
N ASN C 275 -48.09 4.06 -14.06
CA ASN C 275 -47.63 2.92 -13.22
C ASN C 275 -48.14 3.07 -11.79
N ARG C 276 -48.69 2.00 -11.20
CA ARG C 276 -49.41 2.20 -9.95
C ARG C 276 -48.57 2.60 -8.73
N SER C 277 -47.36 2.05 -8.60
CA SER C 277 -46.44 2.48 -7.54
C SER C 277 -46.21 4.00 -7.62
N LEU C 278 -46.21 4.54 -8.84
CA LEU C 278 -46.05 5.96 -9.03
C LEU C 278 -47.34 6.67 -8.66
N SER C 279 -48.45 6.04 -8.97
CA SER C 279 -49.74 6.57 -8.54
C SER C 279 -49.77 6.68 -7.03
N CYS C 280 -49.29 5.63 -6.36
CA CYS C 280 -49.15 5.66 -4.91
C CYS C 280 -48.23 6.80 -4.50
N LEU C 281 -47.16 6.99 -5.25
CA LEU C 281 -46.26 8.07 -4.94
C LEU C 281 -47.02 9.39 -4.98
N GLY C 282 -47.81 9.60 -6.04
CA GLY C 282 -48.69 10.75 -6.11
C GLY C 282 -49.62 10.84 -4.89
N GLN C 283 -50.36 9.76 -4.62
CA GLN C 283 -51.26 9.78 -3.47
C GLN C 283 -50.55 10.12 -2.17
N VAL C 284 -49.39 9.52 -1.94
CA VAL C 284 -48.69 9.81 -0.70
C VAL C 284 -48.34 11.30 -0.66
N ILE C 285 -47.65 11.79 -1.69
CA ILE C 285 -47.23 13.20 -1.73
C ILE C 285 -48.42 14.09 -1.41
N THR C 286 -49.55 13.82 -2.04
CA THR C 286 -50.76 14.58 -1.79
C THR C 286 -51.18 14.55 -0.33
N ALA C 287 -51.52 13.37 0.17
CA ALA C 287 -51.94 13.27 1.56
C ALA C 287 -50.99 14.04 2.47
N LEU C 288 -49.68 13.84 2.32
CA LEU C 288 -48.73 14.54 3.17
C LEU C 288 -48.96 16.04 3.19
N VAL C 289 -49.26 16.60 2.02
CA VAL C 289 -49.45 18.03 1.92
C VAL C 289 -50.68 18.50 2.72
N ASP C 290 -51.80 17.81 2.55
CA ASP C 290 -53.01 18.07 3.34
C ASP C 290 -52.70 18.12 4.83
N VAL C 291 -51.90 17.17 5.28
CA VAL C 291 -51.50 17.02 6.67
C VAL C 291 -50.52 18.10 7.15
N GLY C 292 -49.42 18.27 6.42
CA GLY C 292 -48.42 19.27 6.75
C GLY C 292 -49.02 20.64 6.93
N ASN C 293 -49.98 20.98 6.08
CA ASN C 293 -50.75 22.18 6.31
C ASN C 293 -52.18 21.76 6.60
N GLY C 294 -52.57 21.86 7.87
CA GLY C 294 -53.93 21.58 8.30
C GLY C 294 -54.54 20.18 8.20
N LYS C 295 -55.84 20.14 8.45
CA LYS C 295 -56.70 18.96 8.35
C LYS C 295 -56.16 17.73 9.06
N GLN C 296 -56.39 16.58 8.46
CA GLN C 296 -55.71 15.34 8.78
C GLN C 296 -55.93 14.45 7.60
N ARG C 297 -55.07 13.45 7.41
CA ARG C 297 -55.22 12.50 6.31
C ARG C 297 -54.53 11.20 6.63
N HIS C 298 -54.95 10.15 5.92
CA HIS C 298 -54.29 8.86 5.94
C HIS C 298 -53.31 8.76 4.77
N VAL C 299 -52.07 8.36 5.06
CA VAL C 299 -51.02 8.19 4.04
C VAL C 299 -50.73 6.71 3.85
N CYS C 300 -51.05 6.09 2.71
CA CYS C 300 -50.74 4.66 2.66
C CYS C 300 -49.36 4.52 2.10
N TYR C 301 -48.41 4.21 2.98
CA TYR C 301 -47.04 4.01 2.55
C TYR C 301 -46.96 2.61 2.02
N ARG C 302 -47.81 1.76 2.56
CA ARG C 302 -47.72 0.33 2.32
C ARG C 302 -48.52 -0.05 1.10
N ASP C 303 -49.13 0.94 0.44
CA ASP C 303 -49.88 0.65 -0.78
C ASP C 303 -48.97 0.21 -1.95
N SER C 304 -47.65 0.43 -1.84
CA SER C 304 -46.70 -0.02 -2.86
C SER C 304 -45.35 -0.27 -2.21
N LYS C 305 -44.58 -1.17 -2.80
CA LYS C 305 -43.28 -1.46 -2.24
C LYS C 305 -42.43 -0.21 -2.25
N LEU C 306 -42.60 0.59 -3.30
CA LEU C 306 -41.82 1.81 -3.44
C LEU C 306 -42.10 2.81 -2.33
N THR C 307 -43.37 3.13 -2.13
CA THR C 307 -43.69 4.16 -1.14
C THR C 307 -43.33 3.70 0.26
N PHE C 308 -43.41 2.40 0.46
CA PHE C 308 -43.09 1.80 1.75
C PHE C 308 -41.59 1.90 2.00
N LEU C 309 -40.82 1.40 1.05
CA LEU C 309 -39.37 1.42 1.17
C LEU C 309 -38.87 2.84 1.29
N LEU C 310 -39.61 3.76 0.71
CA LEU C 310 -39.26 5.16 0.76
C LEU C 310 -39.94 5.93 1.87
N ARG C 311 -40.65 5.25 2.76
CA ARG C 311 -41.46 5.92 3.80
C ARG C 311 -40.74 7.06 4.54
N ASP C 312 -39.53 6.82 5.03
CA ASP C 312 -38.79 7.90 5.69
C ASP C 312 -38.45 9.02 4.75
N SER C 313 -38.22 8.71 3.48
CA SER C 313 -37.84 9.72 2.51
C SER C 313 -38.97 10.72 2.32
N LEU C 314 -40.20 10.27 2.51
CA LEU C 314 -41.31 11.19 2.37
C LEU C 314 -41.95 11.52 3.72
N GLY C 315 -41.68 12.72 4.21
CA GLY C 315 -42.21 13.16 5.49
C GLY C 315 -41.59 12.51 6.70
N GLY C 316 -40.66 11.58 6.48
CA GLY C 316 -40.06 10.82 7.57
C GLY C 316 -38.66 11.30 7.94
N ASN C 317 -37.80 10.40 8.44
CA ASN C 317 -36.58 10.90 9.00
C ASN C 317 -35.51 10.71 7.96
N ALA C 318 -35.21 11.82 7.29
CA ALA C 318 -34.25 11.81 6.20
C ALA C 318 -34.24 13.17 5.52
N LYS C 319 -33.17 13.41 4.79
CA LYS C 319 -33.03 14.62 4.01
C LYS C 319 -33.18 14.28 2.53
N THR C 320 -34.26 14.76 1.92
CA THR C 320 -34.63 14.30 0.59
C THR C 320 -34.48 15.35 -0.51
N ALA C 321 -33.93 14.94 -1.64
CA ALA C 321 -33.86 15.79 -2.80
C ALA C 321 -34.47 15.07 -4.00
N ILE C 322 -35.37 15.75 -4.67
CA ILE C 322 -35.97 15.20 -5.86
C ILE C 322 -35.48 15.97 -7.08
N ILE C 323 -35.02 15.24 -8.09
CA ILE C 323 -34.72 15.85 -9.37
C ILE C 323 -35.83 15.52 -10.33
N ALA C 324 -36.50 16.55 -10.85
CA ALA C 324 -37.58 16.30 -11.81
C ALA C 324 -37.07 16.54 -13.22
N ASN C 325 -36.99 15.47 -13.99
CA ASN C 325 -36.48 15.54 -15.35
C ASN C 325 -37.63 15.84 -16.33
N VAL C 326 -37.45 16.86 -17.17
CA VAL C 326 -38.39 17.11 -18.24
C VAL C 326 -37.67 17.41 -19.56
N HIS C 327 -38.38 17.16 -20.65
CA HIS C 327 -37.88 17.30 -22.01
C HIS C 327 -38.66 18.47 -22.50
N PRO C 328 -37.98 19.51 -22.95
CA PRO C 328 -38.81 20.62 -23.38
C PRO C 328 -39.27 20.20 -24.74
N GLY C 329 -39.98 21.03 -25.43
CA GLY C 329 -40.47 20.54 -26.70
C GLY C 329 -41.92 20.10 -26.64
N SER C 330 -42.59 20.35 -27.74
CA SER C 330 -43.98 20.67 -27.70
C SER C 330 -44.83 19.44 -27.54
N ARG C 331 -44.37 18.31 -28.04
N ARG C 331 -44.36 18.30 -28.02
CA ARG C 331 -45.15 17.09 -27.89
CA ARG C 331 -45.11 17.04 -27.89
C ARG C 331 -45.07 16.52 -26.46
C ARG C 331 -44.85 16.31 -26.57
N CYS C 332 -44.06 16.93 -25.69
CA CYS C 332 -43.91 16.52 -24.30
C CYS C 332 -44.73 17.39 -23.35
N PHE C 333 -45.44 18.34 -23.90
CA PHE C 333 -46.13 19.28 -23.06
C PHE C 333 -46.94 18.61 -21.93
N GLY C 334 -47.74 17.61 -22.28
CA GLY C 334 -48.59 16.94 -21.30
C GLY C 334 -47.84 16.36 -20.11
N GLU C 335 -46.78 15.62 -20.43
CA GLU C 335 -46.07 14.88 -19.39
C GLU C 335 -45.19 15.82 -18.61
N THR C 336 -44.74 16.86 -19.29
CA THR C 336 -43.99 17.93 -18.63
C THR C 336 -44.90 18.63 -17.62
N LEU C 337 -46.11 18.92 -18.06
CA LEU C 337 -47.04 19.55 -17.13
C LEU C 337 -47.26 18.68 -15.90
N SER C 338 -47.43 17.38 -16.10
CA SER C 338 -47.64 16.49 -14.96
C SER C 338 -46.42 16.49 -14.07
N THR C 339 -45.24 16.31 -14.66
CA THR C 339 -44.05 16.28 -13.84
C THR C 339 -43.93 17.54 -13.03
N LEU C 340 -44.08 18.70 -13.66
CA LEU C 340 -43.99 19.94 -12.88
C LEU C 340 -45.09 20.01 -11.80
N ASN C 341 -46.31 19.62 -12.12
CA ASN C 341 -47.31 19.60 -11.08
C ASN C 341 -46.88 18.74 -9.89
N PHE C 342 -46.43 17.52 -10.17
CA PHE C 342 -45.97 16.62 -9.12
C PHE C 342 -44.88 17.23 -8.26
N ALA C 343 -43.88 17.81 -8.92
CA ALA C 343 -42.73 18.39 -8.22
C ALA C 343 -43.12 19.59 -7.34
N GLN C 344 -43.95 20.45 -7.87
CA GLN C 344 -44.50 21.55 -7.11
C GLN C 344 -45.11 21.13 -5.76
N ARG C 345 -45.93 20.07 -5.74
CA ARG C 345 -46.48 19.60 -4.47
C ARG C 345 -45.38 19.03 -3.60
N ALA C 346 -44.55 18.20 -4.22
CA ALA C 346 -43.46 17.58 -3.51
C ALA C 346 -42.71 18.64 -2.71
N LYS C 347 -42.50 19.82 -3.30
CA LYS C 347 -41.75 20.90 -2.65
C LYS C 347 -42.48 21.38 -1.38
N LEU C 348 -43.74 21.02 -1.24
CA LEU C 348 -44.51 21.40 -0.07
C LEU C 348 -44.24 20.52 1.16
N ILE C 349 -43.85 19.27 0.90
CA ILE C 349 -43.63 18.30 1.97
C ILE C 349 -42.48 18.65 2.92
N LYS C 350 -42.61 18.23 4.18
CA LYS C 350 -41.62 18.56 5.20
C LYS C 350 -41.11 17.29 5.86
N ASN C 351 -39.81 17.17 6.01
CA ASN C 351 -39.37 15.98 6.71
C ASN C 351 -38.97 16.32 8.13
N LYS C 352 -38.69 15.31 8.94
CA LYS C 352 -38.05 15.57 10.22
C LYS C 352 -36.88 14.64 10.28
N ALA C 353 -35.68 15.19 10.18
CA ALA C 353 -34.54 14.33 10.05
C ALA C 353 -33.60 14.64 11.18
N VAL C 354 -33.18 13.59 11.85
CA VAL C 354 -32.37 13.71 13.06
C VAL C 354 -31.07 12.97 12.79
N VAL C 355 -30.03 13.30 13.56
CA VAL C 355 -28.82 12.49 13.53
C VAL C 355 -29.15 11.12 14.13
N ASN C 356 -28.81 10.04 13.42
CA ASN C 356 -29.06 8.71 13.96
C ASN C 356 -27.80 8.26 14.66
N GLU C 357 -27.89 8.19 15.98
CA GLU C 357 -26.70 8.19 16.83
C GLU C 357 -26.75 7.07 17.85
N ASP C 358 -25.70 7.00 18.67
CA ASP C 358 -25.58 5.95 19.67
C ASP C 358 -24.30 6.07 20.47
PB ADP D . 0.14 -5.36 17.43
O1B ADP D . -1.16 -5.06 18.15
O2B ADP D . -0.02 -5.99 16.07
O3B ADP D . 1.20 -5.91 18.34
PA ADP D . 0.85 -3.16 15.64
O1A ADP D . -0.55 -2.63 15.43
O2A ADP D . 1.56 -3.91 14.56
O3A ADP D . 0.81 -3.92 17.08
O5' ADP D . 1.77 -1.93 16.05
C5' ADP D . 1.26 -1.01 17.01
C4' ADP D . 1.65 0.44 16.70
O4' ADP D . 3.07 0.64 16.60
C3' ADP D . 1.10 0.81 15.33
O3' ADP D . 0.96 2.21 15.33
C2' ADP D . 2.25 0.49 14.42
O2' ADP D . 2.07 1.11 13.16
C1' ADP D . 3.44 0.96 15.25
N9 ADP D . 4.63 0.15 14.90
C8 ADP D . 4.74 -1.18 15.03
N7 ADP D . 5.96 -1.61 14.60
C5 ADP D . 6.66 -0.53 14.19
C6 ADP D . 8.00 -0.28 13.62
N6 ADP D . 8.92 -1.24 13.39
N1 ADP D . 8.30 0.99 13.34
C2 ADP D . 7.43 1.99 13.54
N3 ADP D . 6.19 1.83 14.03
C4 ADP D . 5.76 0.61 14.37
MG MG E . -2.32 -6.74 15.88
PB ADP F . 31.60 -3.50 -12.59
O1B ADP F . 32.61 -3.89 -13.62
O2B ADP F . 30.55 -2.49 -13.05
O3B ADP F . 32.20 -3.28 -11.22
PA ADP F . 29.21 -5.12 -12.82
O1A ADP F . 29.21 -5.04 -14.35
O2A ADP F . 28.24 -4.29 -12.05
O3A ADP F . 30.75 -4.86 -12.37
O5' ADP F . 29.12 -6.65 -12.36
C5' ADP F . 29.81 -7.69 -13.06
C4' ADP F . 29.00 -8.98 -13.10
O4' ADP F . 28.69 -9.39 -11.76
C3' ADP F . 27.65 -8.82 -13.77
O3' ADP F . 27.27 -10.11 -14.22
C2' ADP F . 26.72 -8.48 -12.63
O2' ADP F . 25.34 -8.67 -12.95
C1' ADP F . 27.27 -9.41 -11.54
N9 ADP F . 26.94 -8.89 -10.20
C8 ADP F . 27.44 -7.79 -9.60
N7 ADP F . 26.88 -7.60 -8.38
C5 ADP F . 26.00 -8.57 -8.17
C6 ADP F . 25.08 -8.96 -7.08
N6 ADP F . 24.98 -8.25 -5.94
N1 ADP F . 24.33 -10.07 -7.26
C2 ADP F . 24.41 -10.77 -8.40
N3 ADP F . 25.23 -10.48 -9.43
C4 ADP F . 26.03 -9.41 -9.37
MG MG G . 32.03 -1.80 -15.36
PB ADP H . -35.03 8.08 -18.90
O1B ADP H . -35.72 7.00 -19.68
O2B ADP H . -34.04 7.61 -17.88
O3B ADP H . -35.93 9.17 -18.37
PA ADP H . -32.58 8.57 -20.32
O1A ADP H . -32.44 7.17 -20.90
O2A ADP H . -31.74 9.00 -19.15
O3A ADP H . -34.16 8.82 -20.05
O5' ADP H . -32.36 9.65 -21.48
C5' ADP H . -32.98 9.46 -22.75
C4' ADP H . -32.04 9.89 -23.89
O4' ADP H . -31.74 11.26 -23.75
C3' ADP H . -30.71 9.16 -23.80
O3' ADP H . -30.20 8.94 -25.11
C2' ADP H . -29.75 10.10 -23.14
O2' ADP H . -28.41 9.86 -23.60
C1' ADP H . -30.34 11.45 -23.53
N9 ADP H . -30.17 12.46 -22.46
C8 ADP H . -30.84 12.55 -21.30
N7 ADP H . -30.40 13.61 -20.57
C5 ADP H . -29.45 14.22 -21.29
C6 ADP H . -28.58 15.40 -21.13
N6 ADP H . -28.63 16.17 -20.03
N1 ADP H . -27.73 15.65 -22.13
C2 ADP H . -27.66 14.90 -23.23
N3 ADP H . -28.40 13.82 -23.45
C4 ADP H . -29.31 13.45 -22.53
MG MG I . -34.39 5.42 -17.44
#